data_8A97
#
_entry.id   8A97
#
_cell.length_a   44.860
_cell.length_b   169.460
_cell.length_c   169.310
_cell.angle_alpha   90.000
_cell.angle_beta   90.000
_cell.angle_gamma   90.000
#
_symmetry.space_group_name_H-M   'P 21 21 21'
#
loop_
_entity.id
_entity.type
_entity.pdbx_description
1 polymer '1H-3-hydroxy-4-oxoquinaldine 2,4-dioxygenase'
2 non-polymer XENON
3 non-polymer 'D(-)-TARTARIC ACID'
4 water water
#
_entity_poly.entity_id   1
_entity_poly.type   'polypeptide(L)'
_entity_poly.pdbx_seq_one_letter_code
;MRGSHHHHHHGSMTDTYLHETLVFDNKLSYIDNQRDTDGPAILLLPGWCHDHRVYKYLIQELDADFRVIVPNWRGHGLSP
SEVPDFGYQEQVKDALEILDQLGVETFLPVSHSHGGWVLVELLEQAGPERAPRGIIMDWLMWAPKPDFAKSLTLLKDPER
WREGTHGLFDVWLDGHDEKRVRHHLLEEMADYGYDCWGRSGRVIEDAYGRNGSPMQMMANLTKTRPIRHIFSQPTEPEYE
KINSDFAEQHPWFSYAKLGGPTHFPAIDVPDRAAVHIREFATAIRQGQ
;
_entity_poly.pdbx_strand_id   AAA,BBB,CCC,DDD
#
loop_
_chem_comp.id
_chem_comp.type
_chem_comp.name
_chem_comp.formula
TAR non-polymer 'D(-)-TARTARIC ACID' 'C4 H6 O6'
XE non-polymer XENON Xe
#
# COMPACT_ATOMS: atom_id res chain seq x y z
N MET A 13 -13.32 -48.40 -0.86
CA MET A 13 -12.70 -47.05 -0.61
C MET A 13 -12.39 -46.37 -1.94
N THR A 14 -12.58 -45.05 -1.98
CA THR A 14 -12.40 -44.16 -3.16
C THR A 14 -10.93 -43.77 -3.33
N ASP A 15 -10.07 -44.13 -2.37
CA ASP A 15 -8.60 -43.91 -2.42
C ASP A 15 -7.96 -44.91 -3.40
N THR A 16 -8.73 -45.91 -3.85
CA THR A 16 -8.31 -46.86 -4.92
C THR A 16 -8.17 -46.09 -6.24
N TYR A 17 -9.03 -45.10 -6.45
CA TYR A 17 -9.14 -44.30 -7.70
C TYR A 17 -8.42 -42.97 -7.59
N LEU A 18 -7.60 -42.81 -6.55
CA LEU A 18 -6.93 -41.52 -6.30
C LEU A 18 -5.62 -41.46 -7.07
N HIS A 19 -5.42 -40.34 -7.77
CA HIS A 19 -4.24 -40.10 -8.61
C HIS A 19 -3.67 -38.74 -8.26
N GLU A 20 -2.53 -38.46 -8.84
CA GLU A 20 -1.87 -37.14 -8.66
C GLU A 20 -1.11 -36.83 -9.94
N THR A 21 -1.18 -35.59 -10.38
CA THR A 21 -0.52 -35.15 -11.61
C THR A 21 -0.07 -33.71 -11.47
N LEU A 22 0.95 -33.34 -12.23
CA LEU A 22 1.40 -31.94 -12.34
C LEU A 22 0.44 -31.17 -13.25
N VAL A 23 -0.16 -30.11 -12.70
CA VAL A 23 -1.08 -29.22 -13.45
C VAL A 23 -0.41 -27.84 -13.43
N PHE A 24 0.19 -27.46 -14.54
CA PHE A 24 1.02 -26.24 -14.71
C PHE A 24 2.18 -26.30 -13.70
N ASP A 25 2.05 -25.64 -12.54
CA ASP A 25 3.13 -25.43 -11.55
C ASP A 25 2.87 -26.26 -10.29
N ASN A 26 1.65 -26.82 -10.15
CA ASN A 26 1.19 -27.41 -8.88
C ASN A 26 0.80 -28.87 -9.09
N LYS A 27 1.16 -29.71 -8.12
CA LYS A 27 0.73 -31.11 -8.10
C LYS A 27 -0.68 -31.16 -7.53
N LEU A 28 -1.63 -31.63 -8.32
CA LEU A 28 -3.03 -31.77 -7.87
C LEU A 28 -3.40 -33.22 -7.79
N SER A 29 -4.14 -33.61 -6.76
CA SER A 29 -4.74 -34.94 -6.67
C SER A 29 -6.12 -34.89 -7.29
N TYR A 30 -6.56 -36.03 -7.76
CA TYR A 30 -7.88 -36.18 -8.39
C TYR A 30 -8.35 -37.61 -8.32
N ILE A 31 -9.65 -37.78 -8.23
CA ILE A 31 -10.27 -39.10 -8.43
C ILE A 31 -10.49 -39.33 -9.91
N ASP A 32 -10.22 -40.56 -10.36
CA ASP A 32 -10.63 -41.01 -11.72
C ASP A 32 -10.83 -42.51 -11.66
N ASN A 33 -12.06 -42.98 -11.83
CA ASN A 33 -12.37 -44.42 -11.69
C ASN A 33 -11.97 -45.17 -12.94
N GLN A 34 -11.67 -44.43 -14.01
CA GLN A 34 -11.14 -44.96 -15.28
C GLN A 34 -12.07 -46.06 -15.81
N ARG A 35 -13.38 -45.85 -15.70
CA ARG A 35 -14.43 -46.83 -16.14
C ARG A 35 -14.45 -46.81 -17.66
N ASP A 36 -14.43 -48.00 -18.29
CA ASP A 36 -14.48 -48.15 -19.76
C ASP A 36 -15.96 -48.21 -20.17
N THR A 37 -16.55 -47.05 -20.46
CA THR A 37 -18.00 -46.90 -20.77
C THR A 37 -18.23 -45.67 -21.66
N ASP A 38 -19.45 -45.56 -22.21
CA ASP A 38 -19.90 -44.42 -23.06
C ASP A 38 -19.97 -43.15 -22.19
N GLY A 39 -19.63 -42.01 -22.78
CA GLY A 39 -19.72 -40.68 -22.13
C GLY A 39 -21.17 -40.27 -21.91
N PRO A 40 -21.43 -39.11 -21.24
CA PRO A 40 -20.35 -38.22 -20.79
C PRO A 40 -19.68 -38.68 -19.50
N ALA A 41 -18.46 -38.21 -19.27
CA ALA A 41 -17.84 -38.35 -17.94
C ALA A 41 -18.61 -37.48 -16.95
N ILE A 42 -18.74 -37.93 -15.72
CA ILE A 42 -19.32 -37.14 -14.60
C ILE A 42 -18.15 -36.43 -13.92
N LEU A 43 -18.13 -35.09 -13.95
CA LEU A 43 -17.10 -34.25 -13.29
C LEU A 43 -17.68 -33.68 -12.00
N LEU A 44 -17.33 -34.28 -10.87
CA LEU A 44 -17.80 -33.82 -9.55
C LEU A 44 -16.86 -32.74 -9.04
N LEU A 45 -17.41 -31.57 -8.70
CA LEU A 45 -16.60 -30.40 -8.33
C LEU A 45 -16.77 -30.08 -6.86
N PRO A 46 -15.71 -30.20 -6.02
CA PRO A 46 -15.82 -29.77 -4.64
C PRO A 46 -15.98 -28.26 -4.52
N GLY A 47 -16.59 -27.87 -3.42
CA GLY A 47 -16.51 -26.47 -2.97
C GLY A 47 -15.15 -26.14 -2.42
N TRP A 48 -15.11 -25.13 -1.55
CA TRP A 48 -13.86 -24.63 -0.93
C TRP A 48 -13.57 -25.35 0.36
N CYS A 49 -12.30 -25.71 0.52
CA CYS A 49 -11.73 -26.19 1.79
C CYS A 49 -12.30 -27.55 2.18
N HIS A 50 -12.58 -28.33 1.15
CA HIS A 50 -12.78 -29.77 1.29
C HIS A 50 -12.48 -30.41 -0.05
N ASP A 51 -12.57 -31.72 -0.06
CA ASP A 51 -11.99 -32.50 -1.17
C ASP A 51 -12.92 -33.64 -1.56
N HIS A 52 -12.42 -34.49 -2.43
CA HIS A 52 -13.13 -35.64 -3.01
C HIS A 52 -13.84 -36.45 -1.94
N ARG A 53 -13.36 -36.42 -0.71
CA ARG A 53 -13.96 -37.23 0.37
C ARG A 53 -15.45 -36.89 0.54
N VAL A 54 -15.85 -35.66 0.25
CA VAL A 54 -17.30 -35.27 0.28
C VAL A 54 -18.16 -36.15 -0.62
N TYR A 55 -17.56 -36.72 -1.67
CA TYR A 55 -18.27 -37.44 -2.73
C TYR A 55 -18.14 -38.95 -2.63
N LYS A 56 -17.54 -39.44 -1.56
CA LYS A 56 -17.30 -40.90 -1.49
C LYS A 56 -18.61 -41.70 -1.59
N TYR A 57 -19.73 -41.21 -1.06
CA TYR A 57 -21.00 -41.95 -1.13
C TYR A 57 -21.63 -41.85 -2.51
N LEU A 58 -21.52 -40.68 -3.11
CA LEU A 58 -22.09 -40.42 -4.45
C LEU A 58 -21.30 -41.20 -5.51
N ILE A 59 -19.98 -41.22 -5.36
CA ILE A 59 -19.11 -42.04 -6.26
C ILE A 59 -19.61 -43.48 -6.26
N GLN A 60 -19.87 -44.02 -5.08
CA GLN A 60 -20.39 -45.40 -4.92
C GLN A 60 -21.69 -45.61 -5.71
N GLU A 61 -22.57 -44.61 -5.73
CA GLU A 61 -23.83 -44.72 -6.51
C GLU A 61 -23.59 -44.76 -8.01
N LEU A 62 -22.57 -44.07 -8.50
CA LEU A 62 -22.39 -43.85 -9.95
C LEU A 62 -21.31 -44.74 -10.57
N ASP A 63 -20.50 -45.35 -9.71
CA ASP A 63 -19.17 -45.92 -10.09
C ASP A 63 -19.24 -46.90 -11.25
N ALA A 64 -20.19 -47.83 -11.21
CA ALA A 64 -20.29 -48.94 -12.17
C ALA A 64 -20.65 -48.47 -13.57
N ASP A 65 -21.46 -47.42 -13.65
CA ASP A 65 -22.14 -47.00 -14.88
C ASP A 65 -21.46 -45.81 -15.57
N PHE A 66 -20.64 -45.06 -14.84
CA PHE A 66 -20.05 -43.81 -15.36
C PHE A 66 -18.54 -43.71 -15.10
N ARG A 67 -17.84 -43.02 -15.98
CA ARG A 67 -16.51 -42.52 -15.64
C ARG A 67 -16.76 -41.34 -14.72
N VAL A 68 -16.07 -41.35 -13.60
CA VAL A 68 -16.23 -40.32 -12.53
C VAL A 68 -14.88 -39.71 -12.22
N ILE A 69 -14.81 -38.39 -12.35
CA ILE A 69 -13.59 -37.60 -12.14
C ILE A 69 -13.90 -36.57 -11.07
N VAL A 70 -12.99 -36.41 -10.12
CA VAL A 70 -13.14 -35.42 -9.03
C VAL A 70 -11.81 -34.69 -8.84
N PRO A 71 -11.66 -33.48 -9.39
CA PRO A 71 -10.44 -32.73 -9.17
C PRO A 71 -10.40 -32.14 -7.77
N ASN A 72 -9.22 -32.14 -7.19
CA ASN A 72 -8.96 -31.40 -5.96
C ASN A 72 -8.19 -30.12 -6.27
N TRP A 73 -8.61 -29.01 -5.66
CA TRP A 73 -8.02 -27.69 -5.97
C TRP A 73 -6.62 -27.57 -5.38
N ARG A 74 -5.90 -26.56 -5.86
CA ARG A 74 -4.56 -26.19 -5.32
C ARG A 74 -4.63 -26.11 -3.79
N GLY A 75 -3.74 -26.83 -3.11
CA GLY A 75 -3.68 -26.81 -1.64
C GLY A 75 -4.70 -27.69 -0.94
N HIS A 76 -5.57 -28.33 -1.73
CA HIS A 76 -6.62 -29.21 -1.21
C HIS A 76 -6.22 -30.66 -1.41
N GLY A 77 -6.72 -31.53 -0.53
CA GLY A 77 -6.49 -32.98 -0.60
C GLY A 77 -6.28 -33.57 0.76
N LEU A 78 -5.83 -34.82 0.82
CA LEU A 78 -5.63 -35.55 2.09
C LEU A 78 -4.58 -34.83 2.95
N SER A 79 -3.65 -34.15 2.29
CA SER A 79 -2.64 -33.33 2.97
C SER A 79 -2.69 -31.90 2.45
N PRO A 80 -3.55 -31.05 3.05
CA PRO A 80 -3.63 -29.65 2.60
C PRO A 80 -2.31 -28.88 2.74
N SER A 81 -2.14 -27.88 1.89
CA SER A 81 -0.93 -27.04 1.90
C SER A 81 -1.21 -25.62 1.49
N GLU A 82 -0.35 -24.71 1.93
CA GLU A 82 -0.43 -23.29 1.55
C GLU A 82 0.05 -23.10 0.11
N VAL A 83 -0.66 -22.26 -0.63
CA VAL A 83 -0.35 -22.04 -2.06
C VAL A 83 -0.59 -20.57 -2.33
N PRO A 84 -0.01 -20.03 -3.42
CA PRO A 84 -0.32 -18.66 -3.81
C PRO A 84 -1.79 -18.47 -4.10
N ASP A 85 -2.27 -17.25 -3.88
CA ASP A 85 -3.68 -16.88 -4.11
C ASP A 85 -4.18 -17.25 -5.51
N PHE A 86 -5.39 -17.77 -5.55
CA PHE A 86 -6.06 -18.14 -6.80
C PHE A 86 -7.54 -17.99 -6.53
N GLY A 87 -8.31 -18.08 -7.60
CA GLY A 87 -9.78 -18.01 -7.55
C GLY A 87 -10.47 -19.01 -8.43
N TYR A 88 -11.72 -18.73 -8.76
CA TYR A 88 -12.51 -19.72 -9.52
C TYR A 88 -12.03 -19.83 -10.96
N GLN A 89 -11.42 -18.77 -11.50
CA GLN A 89 -10.93 -18.78 -12.89
C GLN A 89 -9.82 -19.82 -13.04
N GLU A 90 -8.98 -19.86 -12.02
CA GLU A 90 -7.85 -20.80 -11.96
C GLU A 90 -8.37 -22.21 -11.74
N GLN A 91 -9.37 -22.37 -10.88
CA GLN A 91 -10.01 -23.69 -10.70
C GLN A 91 -10.49 -24.24 -12.05
N VAL A 92 -11.12 -23.39 -12.85
CA VAL A 92 -11.57 -23.73 -14.21
C VAL A 92 -10.43 -24.27 -15.06
N LYS A 93 -9.32 -23.52 -15.10
CA LYS A 93 -8.14 -23.87 -15.91
C LYS A 93 -7.56 -25.20 -15.42
N ASP A 94 -7.54 -25.39 -14.11
CA ASP A 94 -7.00 -26.65 -13.54
C ASP A 94 -7.87 -27.82 -13.94
N ALA A 95 -9.18 -27.66 -13.82
CA ALA A 95 -10.14 -28.71 -14.19
C ALA A 95 -9.96 -29.10 -15.65
N LEU A 96 -9.89 -28.12 -16.53
CA LEU A 96 -9.83 -28.37 -17.98
C LEU A 96 -8.50 -29.04 -18.35
N GLU A 97 -7.43 -28.72 -17.61
CA GLU A 97 -6.09 -29.30 -17.90
C GLU A 97 -6.12 -30.77 -17.51
N ILE A 98 -6.74 -31.06 -16.37
CA ILE A 98 -6.91 -32.46 -15.94
C ILE A 98 -7.70 -33.24 -17.01
N LEU A 99 -8.79 -32.66 -17.50
CA LEU A 99 -9.62 -33.36 -18.51
C LEU A 99 -8.82 -33.58 -19.79
N ASP A 100 -8.03 -32.58 -20.17
CA ASP A 100 -7.15 -32.65 -21.37
C ASP A 100 -6.13 -33.78 -21.21
N GLN A 101 -5.48 -33.87 -20.06
CA GLN A 101 -4.50 -34.96 -19.81
C GLN A 101 -5.16 -36.35 -19.87
N LEU A 102 -6.40 -36.42 -19.43
CA LEU A 102 -7.11 -37.72 -19.35
C LEU A 102 -7.78 -38.05 -20.68
N GLY A 103 -7.82 -37.10 -21.61
CA GLY A 103 -8.45 -37.31 -22.93
C GLY A 103 -9.95 -37.30 -22.90
N VAL A 104 -10.53 -36.64 -21.90
CA VAL A 104 -12.00 -36.58 -21.75
C VAL A 104 -12.52 -35.42 -22.61
N GLU A 105 -13.45 -35.72 -23.53
N GLU A 105 -13.45 -35.72 -23.53
CA GLU A 105 -14.07 -34.71 -24.43
CA GLU A 105 -14.07 -34.70 -24.42
C GLU A 105 -15.35 -34.21 -23.76
C GLU A 105 -15.35 -34.21 -23.76
N THR A 106 -16.43 -35.00 -23.80
CA THR A 106 -17.76 -34.61 -23.24
C THR A 106 -17.82 -34.92 -21.75
N PHE A 107 -18.36 -33.97 -20.99
CA PHE A 107 -18.54 -34.18 -19.53
C PHE A 107 -19.80 -33.46 -19.04
N LEU A 108 -20.33 -34.00 -17.94
CA LEU A 108 -21.43 -33.40 -17.16
C LEU A 108 -20.86 -32.93 -15.83
N PRO A 109 -20.63 -31.63 -15.64
CA PRO A 109 -20.15 -31.12 -14.36
C PRO A 109 -21.28 -31.06 -13.35
N VAL A 110 -20.92 -31.38 -12.12
CA VAL A 110 -21.84 -31.44 -10.96
C VAL A 110 -21.11 -30.73 -9.82
N SER A 111 -21.64 -29.65 -9.29
CA SER A 111 -20.94 -28.91 -8.20
C SER A 111 -21.65 -29.01 -6.85
N HIS A 112 -20.86 -28.78 -5.79
CA HIS A 112 -21.37 -28.61 -4.41
C HIS A 112 -21.15 -27.17 -3.98
N SER A 113 -22.24 -26.52 -3.62
CA SER A 113 -22.23 -25.15 -3.09
C SER A 113 -21.35 -24.24 -3.96
N HIS A 114 -20.35 -23.59 -3.38
CA HIS A 114 -19.56 -22.57 -4.14
C HIS A 114 -18.59 -23.18 -5.14
N GLY A 115 -18.58 -24.49 -5.30
CA GLY A 115 -17.99 -25.07 -6.53
C GLY A 115 -18.76 -24.62 -7.74
N GLY A 116 -19.99 -24.16 -7.52
CA GLY A 116 -20.82 -23.60 -8.59
C GLY A 116 -20.18 -22.46 -9.39
N TRP A 117 -19.35 -21.62 -8.78
CA TRP A 117 -18.65 -20.53 -9.51
C TRP A 117 -17.79 -21.17 -10.58
N VAL A 118 -17.14 -22.26 -10.21
CA VAL A 118 -16.31 -23.02 -11.18
C VAL A 118 -17.19 -23.66 -12.26
N LEU A 119 -18.31 -24.28 -11.85
CA LEU A 119 -19.17 -25.00 -12.81
C LEU A 119 -19.68 -24.01 -13.85
N VAL A 120 -20.18 -22.85 -13.43
CA VAL A 120 -20.83 -21.92 -14.40
C VAL A 120 -19.78 -21.36 -15.37
N GLU A 121 -18.60 -21.05 -14.83
CA GLU A 121 -17.49 -20.53 -15.66
C GLU A 121 -17.00 -21.62 -16.60
N LEU A 122 -17.01 -22.85 -16.11
CA LEU A 122 -16.61 -23.99 -16.94
C LEU A 122 -17.57 -24.15 -18.13
N LEU A 123 -18.87 -23.97 -17.90
CA LEU A 123 -19.88 -24.08 -18.98
C LEU A 123 -19.54 -23.04 -20.03
N GLU A 124 -19.28 -21.82 -19.58
CA GLU A 124 -18.91 -20.72 -20.51
C GLU A 124 -17.67 -21.10 -21.32
N GLN A 125 -16.58 -21.46 -20.65
CA GLN A 125 -15.26 -21.62 -21.34
C GLN A 125 -15.20 -22.88 -22.19
N ALA A 126 -15.78 -23.98 -21.70
CA ALA A 126 -15.74 -25.28 -22.41
C ALA A 126 -16.74 -25.30 -23.57
N GLY A 127 -17.82 -24.54 -23.47
CA GLY A 127 -18.87 -24.52 -24.49
C GLY A 127 -19.85 -25.67 -24.40
N PRO A 128 -21.00 -25.53 -25.12
CA PRO A 128 -22.11 -26.47 -25.00
C PRO A 128 -21.92 -27.80 -25.71
N GLU A 129 -20.86 -27.93 -26.51
CA GLU A 129 -20.55 -29.21 -27.18
C GLU A 129 -19.87 -30.12 -26.16
N ARG A 130 -18.86 -29.60 -25.49
CA ARG A 130 -18.12 -30.35 -24.46
C ARG A 130 -18.93 -30.47 -23.17
N ALA A 131 -19.61 -29.40 -22.76
CA ALA A 131 -20.35 -29.33 -21.49
C ALA A 131 -21.80 -28.97 -21.78
N PRO A 132 -22.62 -29.93 -22.24
CA PRO A 132 -23.97 -29.60 -22.72
C PRO A 132 -24.97 -29.22 -21.63
N ARG A 133 -24.72 -29.71 -20.41
CA ARG A 133 -25.62 -29.53 -19.23
C ARG A 133 -24.81 -29.42 -17.96
N GLY A 134 -25.46 -29.01 -16.87
CA GLY A 134 -24.82 -28.92 -15.55
C GLY A 134 -25.79 -29.14 -14.40
N ILE A 135 -25.29 -29.71 -13.32
CA ILE A 135 -26.10 -29.85 -12.08
C ILE A 135 -25.38 -29.12 -10.97
N ILE A 136 -26.10 -28.23 -10.32
CA ILE A 136 -25.58 -27.46 -9.16
C ILE A 136 -26.33 -27.98 -7.94
N MET A 137 -25.56 -28.34 -6.91
CA MET A 137 -26.13 -28.81 -5.65
C MET A 137 -26.00 -27.73 -4.59
N ASP A 138 -27.08 -27.53 -3.84
CA ASP A 138 -27.14 -26.68 -2.63
C ASP A 138 -26.21 -25.48 -2.71
N TRP A 139 -26.63 -24.50 -3.50
CA TRP A 139 -25.81 -23.31 -3.78
C TRP A 139 -26.69 -22.08 -3.58
N LEU A 140 -26.34 -21.24 -2.61
CA LEU A 140 -27.14 -20.05 -2.26
C LEU A 140 -27.34 -19.16 -3.48
N MET A 141 -28.58 -19.08 -3.92
CA MET A 141 -28.93 -18.47 -5.22
C MET A 141 -29.03 -16.97 -5.11
N TRP A 142 -29.40 -16.51 -3.92
CA TRP A 142 -29.55 -15.06 -3.62
C TRP A 142 -28.23 -14.49 -3.13
N ALA A 143 -28.14 -13.17 -3.17
CA ALA A 143 -27.02 -12.40 -2.61
C ALA A 143 -26.92 -12.63 -1.10
N PRO A 144 -25.71 -12.49 -0.53
CA PRO A 144 -25.53 -12.73 0.91
C PRO A 144 -26.50 -11.98 1.82
N LYS A 145 -27.23 -12.76 2.61
CA LYS A 145 -28.00 -12.27 3.77
C LYS A 145 -27.04 -11.84 4.86
N PRO A 146 -27.52 -11.05 5.84
CA PRO A 146 -26.66 -10.58 6.90
C PRO A 146 -25.80 -11.65 7.60
N ASP A 147 -26.41 -12.79 7.91
CA ASP A 147 -25.69 -13.88 8.63
C ASP A 147 -24.56 -14.45 7.77
N PHE A 148 -24.86 -14.76 6.52
CA PHE A 148 -23.84 -15.28 5.59
C PHE A 148 -22.74 -14.24 5.35
N ALA A 149 -23.13 -13.00 5.12
CA ALA A 149 -22.16 -11.88 4.97
C ALA A 149 -21.21 -11.80 6.16
N LYS A 150 -21.76 -12.03 7.35
CA LYS A 150 -21.00 -12.01 8.61
C LYS A 150 -20.04 -13.18 8.65
N SER A 151 -20.49 -14.34 8.21
CA SER A 151 -19.63 -15.54 8.16
C SER A 151 -18.42 -15.32 7.25
N LEU A 152 -18.64 -14.73 6.09
CA LEU A 152 -17.54 -14.44 5.13
C LEU A 152 -16.51 -13.54 5.80
N THR A 153 -16.97 -12.50 6.49
CA THR A 153 -16.07 -11.54 7.15
C THR A 153 -15.23 -12.26 8.21
N LEU A 154 -15.82 -13.18 8.95
CA LEU A 154 -15.08 -13.93 10.00
C LEU A 154 -14.03 -14.84 9.36
N LEU A 155 -14.39 -15.52 8.29
CA LEU A 155 -13.45 -16.39 7.55
C LEU A 155 -12.20 -15.63 7.09
N LYS A 156 -12.38 -14.36 6.71
CA LYS A 156 -11.28 -13.49 6.21
C LYS A 156 -10.35 -13.02 7.33
N ASP A 157 -10.80 -13.14 8.57
CA ASP A 157 -10.14 -12.55 9.76
C ASP A 157 -9.20 -13.58 10.36
N PRO A 158 -7.89 -13.27 10.39
CA PRO A 158 -6.95 -14.24 10.95
C PRO A 158 -7.19 -14.63 12.39
N GLU A 159 -7.88 -13.76 13.11
CA GLU A 159 -8.26 -13.91 14.52
C GLU A 159 -9.56 -14.69 14.75
N ARG A 160 -10.41 -14.80 13.73
CA ARG A 160 -11.80 -15.26 13.94
C ARG A 160 -12.25 -16.30 12.91
N TRP A 161 -11.35 -16.80 12.08
CA TRP A 161 -11.74 -17.69 10.97
C TRP A 161 -12.37 -18.96 11.52
N ARG A 162 -11.81 -19.50 12.59
CA ARG A 162 -12.31 -20.77 13.13
C ARG A 162 -13.73 -20.59 13.69
N GLU A 163 -13.97 -19.48 14.38
CA GLU A 163 -15.32 -19.05 14.79
C GLU A 163 -16.26 -19.02 13.57
N GLY A 164 -15.77 -18.43 12.47
CA GLY A 164 -16.50 -18.43 11.19
C GLY A 164 -16.92 -19.81 10.74
N THR A 165 -15.97 -20.75 10.70
CA THR A 165 -16.28 -22.14 10.30
C THR A 165 -17.33 -22.75 11.22
N HIS A 166 -17.22 -22.54 12.52
CA HIS A 166 -18.18 -23.13 13.50
C HIS A 166 -19.59 -22.61 13.24
N GLY A 167 -19.69 -21.34 12.93
CA GLY A 167 -21.00 -20.74 12.61
C GLY A 167 -21.60 -21.36 11.38
N LEU A 168 -20.75 -21.62 10.39
CA LEU A 168 -21.24 -22.24 9.14
C LEU A 168 -21.66 -23.67 9.42
N PHE A 169 -20.90 -24.36 10.25
CA PHE A 169 -21.24 -25.77 10.56
C PHE A 169 -22.61 -25.83 11.21
N ASP A 170 -22.92 -24.88 12.10
CA ASP A 170 -24.23 -24.83 12.79
C ASP A 170 -25.32 -24.74 11.74
N VAL A 171 -25.12 -23.86 10.76
CA VAL A 171 -26.12 -23.61 9.71
C VAL A 171 -26.29 -24.85 8.85
N TRP A 172 -25.17 -25.42 8.44
CA TRP A 172 -25.18 -26.54 7.48
C TRP A 172 -25.84 -27.77 8.07
N LEU A 173 -25.63 -27.98 9.37
CA LEU A 173 -26.17 -29.15 10.06
C LEU A 173 -27.64 -28.96 10.39
N ASP A 174 -28.05 -27.69 10.58
CA ASP A 174 -29.48 -27.31 10.75
C ASP A 174 -30.14 -28.09 11.88
N GLY A 175 -29.39 -28.34 12.94
CA GLY A 175 -29.90 -28.94 14.17
C GLY A 175 -30.04 -30.43 14.11
N HIS A 176 -29.39 -31.07 13.13
CA HIS A 176 -29.45 -32.53 12.92
C HIS A 176 -28.19 -33.20 13.41
N ASP A 177 -28.39 -34.35 14.04
CA ASP A 177 -27.29 -35.22 14.50
C ASP A 177 -26.98 -36.20 13.37
N GLU A 178 -26.52 -35.65 12.26
CA GLU A 178 -26.23 -36.43 11.04
C GLU A 178 -24.78 -36.89 11.06
N LYS A 179 -24.61 -38.16 11.41
CA LYS A 179 -23.31 -38.83 11.64
C LYS A 179 -22.30 -38.52 10.53
N ARG A 180 -22.72 -38.80 9.31
CA ARG A 180 -21.86 -38.72 8.13
C ARG A 180 -21.42 -37.30 7.83
N VAL A 181 -22.36 -36.37 7.93
CA VAL A 181 -22.06 -34.94 7.70
C VAL A 181 -21.15 -34.41 8.80
N ARG A 182 -21.46 -34.75 10.05
CA ARG A 182 -20.58 -34.37 11.18
C ARG A 182 -19.16 -34.89 10.98
N HIS A 183 -19.03 -36.13 10.57
CA HIS A 183 -17.68 -36.71 10.28
C HIS A 183 -16.97 -35.90 9.22
N HIS A 184 -17.69 -35.52 8.19
CA HIS A 184 -17.05 -34.71 7.12
C HIS A 184 -16.53 -33.38 7.64
N LEU A 185 -17.38 -32.65 8.36
CA LEU A 185 -17.03 -31.29 8.82
C LEU A 185 -15.97 -31.30 9.90
N LEU A 186 -16.12 -32.21 10.86
CA LEU A 186 -15.29 -32.23 12.09
C LEU A 186 -14.00 -33.03 11.93
N GLU A 187 -13.96 -33.99 10.99
CA GLU A 187 -12.75 -34.80 10.75
C GLU A 187 -12.17 -34.44 9.39
N GLU A 188 -12.97 -34.55 8.33
CA GLU A 188 -12.42 -34.50 6.96
C GLU A 188 -12.05 -33.08 6.53
N MET A 189 -12.60 -32.08 7.21
CA MET A 189 -12.17 -30.68 6.98
C MET A 189 -11.20 -30.20 8.05
N ALA A 190 -10.84 -31.03 9.03
CA ALA A 190 -10.13 -30.59 10.24
C ALA A 190 -8.75 -29.99 9.93
N ASP A 191 -8.11 -30.44 8.85
CA ASP A 191 -6.71 -30.10 8.51
C ASP A 191 -6.59 -28.78 7.77
N TYR A 192 -7.72 -28.25 7.33
CA TYR A 192 -7.76 -27.01 6.53
C TYR A 192 -7.69 -25.82 7.48
N GLY A 193 -6.95 -24.80 7.05
CA GLY A 193 -6.62 -23.66 7.91
C GLY A 193 -7.06 -22.35 7.31
N TYR A 194 -6.51 -21.28 7.87
CA TYR A 194 -6.80 -19.90 7.44
C TYR A 194 -6.41 -19.69 5.98
N ASP A 195 -5.33 -20.32 5.54
CA ASP A 195 -4.89 -20.18 4.14
C ASP A 195 -6.05 -20.51 3.19
N CYS A 196 -6.79 -21.58 3.49
CA CYS A 196 -7.96 -21.96 2.68
C CYS A 196 -9.18 -21.12 3.03
N TRP A 197 -9.54 -21.07 4.30
CA TRP A 197 -10.81 -20.43 4.70
C TRP A 197 -10.80 -18.94 4.36
N GLY A 198 -9.70 -18.26 4.65
CA GLY A 198 -9.61 -16.83 4.29
C GLY A 198 -9.72 -16.60 2.81
N ARG A 199 -9.06 -17.45 2.04
CA ARG A 199 -9.13 -17.41 0.55
C ARG A 199 -10.57 -17.58 0.09
N SER A 200 -11.25 -18.57 0.66
CA SER A 200 -12.65 -18.88 0.32
C SER A 200 -13.51 -17.64 0.59
N GLY A 201 -13.28 -16.97 1.73
CA GLY A 201 -14.00 -15.73 2.05
C GLY A 201 -13.76 -14.63 1.03
N ARG A 202 -12.50 -14.44 0.64
CA ARG A 202 -12.17 -13.41 -0.37
C ARG A 202 -12.80 -13.76 -1.71
N VAL A 203 -12.64 -15.02 -2.15
CA VAL A 203 -13.11 -15.43 -3.49
C VAL A 203 -14.64 -15.35 -3.62
N ILE A 204 -15.34 -15.90 -2.64
CA ILE A 204 -16.83 -15.93 -2.62
C ILE A 204 -17.38 -14.52 -2.49
N GLU A 205 -16.81 -13.74 -1.59
CA GLU A 205 -17.26 -12.32 -1.43
C GLU A 205 -17.15 -11.58 -2.75
N ASP A 206 -16.01 -11.73 -3.42
CA ASP A 206 -15.78 -11.08 -4.73
C ASP A 206 -16.69 -11.63 -5.82
N ALA A 207 -16.89 -12.96 -5.84
CA ALA A 207 -17.75 -13.60 -6.84
C ALA A 207 -19.16 -13.02 -6.80
N TYR A 208 -19.73 -12.94 -5.61
CA TYR A 208 -21.04 -12.27 -5.46
C TYR A 208 -20.93 -10.81 -5.89
N GLY A 209 -19.88 -10.11 -5.46
CA GLY A 209 -19.76 -8.68 -5.78
C GLY A 209 -19.71 -8.40 -7.26
N ARG A 210 -18.92 -9.20 -7.95
CA ARG A 210 -18.64 -8.97 -9.37
C ARG A 210 -19.71 -9.57 -10.28
N ASN A 211 -20.22 -10.75 -9.95
CA ASN A 211 -21.20 -11.45 -10.81
C ASN A 211 -22.64 -11.20 -10.34
N GLY A 212 -22.81 -10.51 -9.22
CA GLY A 212 -24.10 -10.27 -8.58
C GLY A 212 -24.64 -11.45 -7.82
N SER A 213 -24.90 -12.53 -8.51
CA SER A 213 -25.46 -13.76 -7.89
C SER A 213 -25.28 -14.93 -8.83
N PRO A 214 -25.34 -16.17 -8.31
CA PRO A 214 -25.36 -17.34 -9.17
C PRO A 214 -26.37 -17.26 -10.33
N MET A 215 -27.56 -16.73 -10.03
CA MET A 215 -28.65 -16.63 -11.03
C MET A 215 -28.31 -15.65 -12.13
N GLN A 216 -27.82 -14.48 -11.74
CA GLN A 216 -27.30 -13.50 -12.71
C GLN A 216 -26.20 -14.11 -13.60
N MET A 217 -25.22 -14.75 -12.99
CA MET A 217 -24.10 -15.36 -13.73
C MET A 217 -24.61 -16.39 -14.74
N MET A 218 -25.51 -17.26 -14.30
CA MET A 218 -26.08 -18.30 -15.16
C MET A 218 -26.85 -17.67 -16.32
N ALA A 219 -27.65 -16.64 -16.04
CA ALA A 219 -28.46 -15.98 -17.07
C ALA A 219 -27.59 -15.27 -18.10
N ASN A 220 -26.39 -14.88 -17.69
CA ASN A 220 -25.43 -14.14 -18.56
C ASN A 220 -24.57 -15.07 -19.41
N LEU A 221 -24.68 -16.40 -19.28
CA LEU A 221 -23.93 -17.34 -20.17
C LEU A 221 -24.19 -16.97 -21.62
N THR A 222 -23.14 -17.02 -22.43
CA THR A 222 -23.21 -16.78 -23.88
C THR A 222 -24.15 -17.79 -24.51
N LYS A 223 -24.00 -19.05 -24.12
CA LYS A 223 -24.86 -20.14 -24.62
C LYS A 223 -25.53 -20.78 -23.43
N THR A 224 -26.75 -20.36 -23.14
CA THR A 224 -27.56 -20.98 -22.07
C THR A 224 -27.86 -22.43 -22.44
N ARG A 225 -28.04 -23.28 -21.43
CA ARG A 225 -28.22 -24.72 -21.64
C ARG A 225 -28.82 -25.28 -20.38
N PRO A 226 -29.33 -26.53 -20.41
CA PRO A 226 -29.96 -27.10 -19.22
C PRO A 226 -29.08 -27.18 -17.97
N ILE A 227 -29.56 -26.54 -16.91
CA ILE A 227 -28.94 -26.53 -15.57
C ILE A 227 -30.06 -26.84 -14.59
N ARG A 228 -29.81 -27.76 -13.67
CA ARG A 228 -30.78 -28.05 -12.57
C ARG A 228 -30.12 -27.73 -11.23
N HIS A 229 -30.84 -27.05 -10.38
CA HIS A 229 -30.42 -26.82 -9.00
C HIS A 229 -31.13 -27.81 -8.12
N ILE A 230 -30.39 -28.72 -7.51
CA ILE A 230 -30.95 -29.67 -6.53
C ILE A 230 -30.43 -29.30 -5.17
N PHE A 231 -31.34 -29.14 -4.22
CA PHE A 231 -30.98 -28.59 -2.90
C PHE A 231 -31.89 -29.11 -1.80
N SER A 232 -31.33 -29.17 -0.61
CA SER A 232 -32.08 -29.45 0.64
C SER A 232 -32.29 -28.17 1.48
N GLN A 233 -31.36 -27.22 1.43
CA GLN A 233 -31.40 -26.03 2.33
C GLN A 233 -31.07 -24.80 1.48
N PRO A 234 -31.50 -23.58 1.90
CA PRO A 234 -32.42 -23.36 3.04
C PRO A 234 -33.80 -23.94 2.78
N THR A 235 -34.57 -24.05 3.85
CA THR A 235 -35.82 -24.84 3.89
C THR A 235 -37.05 -23.96 3.66
N GLU A 236 -36.87 -22.65 3.74
CA GLU A 236 -37.99 -21.67 3.81
C GLU A 236 -38.69 -21.53 2.47
N PRO A 237 -40.03 -21.34 2.48
CA PRO A 237 -40.79 -21.05 1.27
C PRO A 237 -40.25 -19.93 0.37
N GLU A 238 -39.71 -18.87 0.97
CA GLU A 238 -39.20 -17.72 0.19
C GLU A 238 -38.05 -18.15 -0.73
N TYR A 239 -37.25 -19.12 -0.29
CA TYR A 239 -36.14 -19.65 -1.13
C TYR A 239 -36.67 -20.48 -2.29
N GLU A 240 -37.61 -21.36 -1.99
CA GLU A 240 -38.27 -22.18 -3.01
C GLU A 240 -38.82 -21.25 -4.09
N LYS A 241 -39.42 -20.14 -3.65
CA LYS A 241 -40.06 -19.19 -4.58
C LYS A 241 -39.06 -18.59 -5.57
N ILE A 242 -37.87 -18.19 -5.10
CA ILE A 242 -36.88 -17.60 -6.04
C ILE A 242 -36.47 -18.64 -7.08
N ASN A 243 -36.36 -19.90 -6.67
CA ASN A 243 -36.03 -20.97 -7.63
C ASN A 243 -37.19 -21.16 -8.63
N SER A 244 -38.43 -21.15 -8.11
CA SER A 244 -39.65 -21.33 -8.95
C SER A 244 -39.78 -20.15 -9.92
N ASP A 245 -39.60 -18.93 -9.44
CA ASP A 245 -39.67 -17.71 -10.31
C ASP A 245 -38.61 -17.76 -11.41
N PHE A 246 -37.38 -18.08 -11.07
CA PHE A 246 -36.30 -18.25 -12.07
C PHE A 246 -36.67 -19.33 -13.10
N ALA A 247 -37.17 -20.48 -12.65
CA ALA A 247 -37.54 -21.59 -13.55
C ALA A 247 -38.68 -21.22 -14.50
N GLU A 248 -39.60 -20.37 -14.03
CA GLU A 248 -40.69 -19.85 -14.89
C GLU A 248 -40.13 -18.98 -16.01
N GLN A 249 -39.11 -18.20 -15.68
CA GLN A 249 -38.53 -17.22 -16.61
C GLN A 249 -37.62 -17.87 -17.64
N HIS A 250 -36.96 -18.95 -17.27
CA HIS A 250 -35.88 -19.55 -18.09
C HIS A 250 -36.16 -21.01 -18.40
N PRO A 251 -36.49 -21.34 -19.65
CA PRO A 251 -36.76 -22.73 -19.99
C PRO A 251 -35.65 -23.72 -19.61
N TRP A 252 -34.41 -23.30 -19.73
CA TRP A 252 -33.21 -24.11 -19.44
C TRP A 252 -32.98 -24.34 -17.95
N PHE A 253 -33.69 -23.65 -17.07
CA PHE A 253 -33.48 -23.83 -15.61
C PHE A 253 -34.58 -24.67 -14.98
N SER A 254 -34.17 -25.61 -14.15
CA SER A 254 -35.10 -26.43 -13.37
C SER A 254 -34.50 -26.60 -11.99
N TYR A 255 -35.30 -27.06 -11.05
CA TYR A 255 -34.82 -27.33 -9.69
C TYR A 255 -35.56 -28.53 -9.12
N ALA A 256 -35.01 -29.06 -8.03
CA ALA A 256 -35.70 -30.06 -7.21
C ALA A 256 -35.31 -29.83 -5.76
N LYS A 257 -36.29 -29.69 -4.90
CA LYS A 257 -36.06 -29.77 -3.44
C LYS A 257 -35.96 -31.22 -3.02
N LEU A 258 -34.84 -31.59 -2.41
CA LEU A 258 -34.48 -32.99 -2.12
C LEU A 258 -34.98 -33.45 -0.74
N GLY A 259 -35.20 -32.51 0.17
CA GLY A 259 -35.74 -32.82 1.51
C GLY A 259 -34.73 -33.47 2.44
N GLY A 260 -33.45 -33.43 2.06
CA GLY A 260 -32.36 -33.93 2.92
C GLY A 260 -32.20 -33.05 4.15
N PRO A 261 -31.62 -33.61 5.23
CA PRO A 261 -31.46 -32.85 6.46
C PRO A 261 -30.45 -31.69 6.44
N THR A 262 -29.35 -31.86 5.71
CA THR A 262 -28.22 -30.91 5.80
C THR A 262 -27.92 -30.25 4.46
N HIS A 263 -26.87 -29.42 4.49
CA HIS A 263 -26.35 -28.68 3.31
C HIS A 263 -25.52 -29.59 2.39
N PHE A 264 -25.42 -30.87 2.74
CA PHE A 264 -24.55 -31.82 2.02
C PHE A 264 -25.37 -33.01 1.51
N PRO A 265 -26.25 -32.80 0.50
CA PRO A 265 -26.99 -33.91 -0.10
C PRO A 265 -26.13 -35.03 -0.71
N ALA A 266 -24.93 -34.67 -1.15
CA ALA A 266 -23.96 -35.62 -1.70
C ALA A 266 -23.64 -36.68 -0.66
N ILE A 267 -23.79 -36.32 0.62
CA ILE A 267 -23.49 -37.23 1.74
C ILE A 267 -24.76 -37.85 2.31
N ASP A 268 -25.79 -37.05 2.55
CA ASP A 268 -26.99 -37.52 3.29
C ASP A 268 -28.12 -38.08 2.44
N VAL A 269 -28.19 -37.72 1.16
CA VAL A 269 -29.16 -38.32 0.21
C VAL A 269 -28.47 -38.62 -1.11
N PRO A 270 -27.36 -39.39 -1.10
CA PRO A 270 -26.60 -39.63 -2.32
C PRO A 270 -27.40 -40.34 -3.42
N ASP A 271 -28.33 -41.21 -3.03
CA ASP A 271 -29.22 -41.92 -3.98
C ASP A 271 -30.04 -40.92 -4.77
N ARG A 272 -30.51 -39.89 -4.08
CA ARG A 272 -31.35 -38.85 -4.69
C ARG A 272 -30.51 -37.97 -5.60
N ALA A 273 -29.35 -37.53 -5.14
CA ALA A 273 -28.40 -36.80 -6.00
C ALA A 273 -28.15 -37.59 -7.28
N ALA A 274 -27.87 -38.88 -7.12
CA ALA A 274 -27.47 -39.73 -8.28
C ALA A 274 -28.60 -39.85 -9.31
N VAL A 275 -29.86 -39.92 -8.91
CA VAL A 275 -30.94 -40.11 -9.90
C VAL A 275 -31.03 -38.86 -10.78
N HIS A 276 -30.74 -37.68 -10.23
CA HIS A 276 -30.81 -36.44 -11.03
C HIS A 276 -29.64 -36.37 -12.00
N ILE A 277 -28.48 -36.79 -11.54
CA ILE A 277 -27.27 -36.81 -12.38
C ILE A 277 -27.46 -37.83 -13.50
N ARG A 278 -27.97 -39.01 -13.17
CA ARG A 278 -28.28 -40.06 -14.20
C ARG A 278 -29.26 -39.57 -15.25
N GLU A 279 -30.29 -38.86 -14.83
CA GLU A 279 -31.29 -38.32 -15.76
C GLU A 279 -30.62 -37.40 -16.76
N PHE A 280 -29.76 -36.52 -16.25
CA PHE A 280 -29.08 -35.55 -17.13
C PHE A 280 -28.10 -36.28 -18.05
N ALA A 281 -27.41 -37.32 -17.53
CA ALA A 281 -26.41 -38.06 -18.35
C ALA A 281 -27.09 -38.83 -19.49
N THR A 282 -28.24 -39.43 -19.16
CA THR A 282 -29.10 -40.11 -20.16
C THR A 282 -29.56 -39.15 -21.25
N ALA A 283 -30.02 -37.98 -20.85
CA ALA A 283 -30.49 -36.95 -21.80
C ALA A 283 -29.37 -36.60 -22.78
N ILE A 284 -28.16 -36.42 -22.27
CA ILE A 284 -26.97 -36.09 -23.11
C ILE A 284 -26.71 -37.24 -24.07
N ARG A 285 -26.67 -38.47 -23.56
CA ARG A 285 -26.43 -39.67 -24.40
C ARG A 285 -27.41 -39.72 -25.58
N GLN A 286 -28.68 -39.37 -25.35
CA GLN A 286 -29.75 -39.31 -26.39
C GLN A 286 -29.72 -37.94 -27.08
N GLY A 287 -28.68 -37.69 -27.89
CA GLY A 287 -28.50 -36.42 -28.63
C GLY A 287 -28.00 -35.31 -27.73
N SER B 12 -2.82 12.51 -33.68
CA SER B 12 -4.27 12.91 -33.58
C SER B 12 -4.98 12.75 -34.93
N MET B 13 -4.49 11.85 -35.78
CA MET B 13 -4.91 11.70 -37.20
C MET B 13 -5.03 10.24 -37.63
N THR B 14 -4.68 9.29 -36.75
CA THR B 14 -4.62 7.83 -37.04
C THR B 14 -5.99 7.18 -36.85
N ASP B 15 -6.94 7.90 -36.22
CA ASP B 15 -8.34 7.42 -36.04
C ASP B 15 -9.15 7.65 -37.32
N THR B 16 -8.50 8.20 -38.36
CA THR B 16 -9.04 8.28 -39.74
C THR B 16 -9.22 6.87 -40.31
N TYR B 17 -8.33 5.95 -39.91
CA TYR B 17 -8.25 4.55 -40.41
C TYR B 17 -8.93 3.56 -39.47
N LEU B 18 -9.72 4.07 -38.54
CA LEU B 18 -10.35 3.22 -37.51
C LEU B 18 -11.70 2.69 -38.00
N HIS B 19 -11.86 1.38 -37.86
CA HIS B 19 -13.05 0.65 -38.33
C HIS B 19 -13.56 -0.21 -37.20
N GLU B 20 -14.70 -0.84 -37.44
CA GLU B 20 -15.30 -1.76 -36.46
C GLU B 20 -16.08 -2.82 -37.24
N THR B 21 -15.96 -4.06 -36.81
CA THR B 21 -16.64 -5.19 -37.47
C THR B 21 -17.03 -6.23 -36.44
N LEU B 22 -18.05 -7.01 -36.76
CA LEU B 22 -18.46 -8.19 -35.96
C LEU B 22 -17.49 -9.34 -36.21
N VAL B 23 -16.85 -9.81 -35.15
CA VAL B 23 -15.91 -10.95 -35.21
C VAL B 23 -16.53 -12.02 -34.31
N PHE B 24 -17.14 -13.03 -34.92
CA PHE B 24 -17.92 -14.11 -34.26
C PHE B 24 -19.08 -13.45 -33.48
N ASP B 25 -18.89 -13.24 -32.17
CA ASP B 25 -19.96 -12.79 -31.23
C ASP B 25 -19.71 -11.35 -30.78
N ASN B 26 -18.51 -10.82 -31.04
CA ASN B 26 -18.04 -9.54 -30.45
C ASN B 26 -17.70 -8.54 -31.52
N LYS B 27 -18.08 -7.28 -31.29
CA LYS B 27 -17.69 -6.17 -32.16
C LYS B 27 -16.28 -5.74 -31.80
N LEU B 28 -15.36 -5.84 -32.73
CA LEU B 28 -13.96 -5.44 -32.50
C LEU B 28 -13.64 -4.24 -33.38
N SER B 29 -12.90 -3.29 -32.83
CA SER B 29 -12.35 -2.18 -33.63
C SER B 29 -10.97 -2.58 -34.12
N TYR B 30 -10.58 -1.98 -35.22
CA TYR B 30 -9.27 -2.24 -35.84
C TYR B 30 -8.86 -1.07 -36.70
N ILE B 31 -7.57 -0.84 -36.78
CA ILE B 31 -6.99 0.08 -37.78
C ILE B 31 -6.79 -0.67 -39.09
N ASP B 32 -7.11 -0.02 -40.21
CA ASP B 32 -6.72 -0.50 -41.55
C ASP B 32 -6.58 0.70 -42.46
N ASN B 33 -5.36 0.98 -42.92
CA ASN B 33 -5.11 2.20 -43.72
C ASN B 33 -5.54 1.98 -45.17
N GLN B 34 -5.84 0.72 -45.52
CA GLN B 34 -6.41 0.34 -46.82
C GLN B 34 -5.52 0.88 -47.95
N ARG B 35 -4.20 0.82 -47.78
CA ARG B 35 -3.21 1.32 -48.77
C ARG B 35 -3.20 0.34 -49.95
N ASP B 36 -3.28 0.88 -51.18
CA ASP B 36 -3.25 0.10 -52.43
C ASP B 36 -1.77 -0.08 -52.83
N THR B 37 -1.14 -1.16 -52.35
CA THR B 37 0.31 -1.45 -52.54
C THR B 37 0.56 -2.97 -52.49
N ASP B 38 1.76 -3.39 -52.88
CA ASP B 38 2.24 -4.79 -52.83
C ASP B 38 2.35 -5.24 -51.37
N GLY B 39 2.04 -6.52 -51.10
CA GLY B 39 2.18 -7.13 -49.77
C GLY B 39 3.65 -7.30 -49.38
N PRO B 40 3.94 -7.79 -48.15
CA PRO B 40 2.91 -8.22 -47.21
C PRO B 40 2.25 -7.06 -46.47
N ALA B 41 1.05 -7.29 -45.93
CA ALA B 41 0.45 -6.37 -44.97
C ALA B 41 1.27 -6.42 -43.68
N ILE B 42 1.40 -5.29 -43.02
CA ILE B 42 2.01 -5.21 -41.67
C ILE B 42 0.88 -5.34 -40.65
N LEU B 43 0.91 -6.40 -39.83
CA LEU B 43 -0.09 -6.65 -38.77
C LEU B 43 0.53 -6.29 -37.42
N LEU B 44 0.19 -5.11 -36.91
CA LEU B 44 0.69 -4.64 -35.59
C LEU B 44 -0.20 -5.17 -34.50
N LEU B 45 0.40 -5.86 -33.52
CA LEU B 45 -0.37 -6.54 -32.48
C LEU B 45 -0.17 -5.87 -31.12
N PRO B 46 -1.21 -5.27 -30.51
CA PRO B 46 -1.06 -4.74 -29.17
C PRO B 46 -0.86 -5.84 -28.14
N GLY B 47 -0.21 -5.46 -27.06
CA GLY B 47 -0.23 -6.25 -25.83
C GLY B 47 -1.58 -6.19 -25.14
N TRP B 48 -1.57 -6.42 -23.82
CA TRP B 48 -2.79 -6.46 -22.99
C TRP B 48 -3.08 -5.08 -22.43
N CYS B 49 -4.36 -4.73 -22.49
CA CYS B 49 -4.92 -3.56 -21.78
C CYS B 49 -4.39 -2.26 -22.35
N HIS B 50 -4.17 -2.29 -23.65
CA HIS B 50 -4.01 -1.08 -24.44
C HIS B 50 -4.35 -1.42 -25.87
N ASP B 51 -4.30 -0.41 -26.71
CA ASP B 51 -4.93 -0.50 -28.05
C ASP B 51 -4.03 0.16 -29.08
N HIS B 52 -4.59 0.26 -30.29
CA HIS B 52 -3.91 0.81 -31.48
C HIS B 52 -3.21 2.12 -31.18
N ARG B 53 -3.68 2.86 -30.18
CA ARG B 53 -3.08 4.18 -29.88
C ARG B 53 -1.58 4.04 -29.59
N VAL B 54 -1.14 2.90 -29.05
CA VAL B 54 0.32 2.64 -28.83
C VAL B 54 1.14 2.78 -30.11
N TYR B 55 0.49 2.57 -31.27
CA TYR B 55 1.17 2.46 -32.56
C TYR B 55 1.00 3.69 -33.43
N LYS B 56 0.39 4.73 -32.88
CA LYS B 56 0.12 5.91 -33.73
C LYS B 56 1.39 6.51 -34.36
N TYR B 57 2.54 6.47 -33.68
CA TYR B 57 3.79 7.03 -34.25
C TYR B 57 4.39 6.09 -35.28
N LEU B 58 4.31 4.80 -35.00
CA LEU B 58 4.85 3.78 -35.91
C LEU B 58 4.02 3.69 -37.19
N ILE B 59 2.71 3.79 -37.05
CA ILE B 59 1.80 3.85 -38.22
C ILE B 59 2.24 4.97 -39.15
N GLN B 60 2.51 6.14 -38.58
CA GLN B 60 2.98 7.32 -39.34
C GLN B 60 4.26 7.01 -40.12
N GLU B 61 5.17 6.23 -39.55
CA GLU B 61 6.41 5.86 -40.27
C GLU B 61 6.14 4.94 -41.46
N LEU B 62 5.13 4.08 -41.37
CA LEU B 62 4.94 2.99 -42.34
C LEU B 62 3.83 3.28 -43.34
N ASP B 63 3.00 4.28 -43.04
CA ASP B 63 1.67 4.47 -43.65
C ASP B 63 1.67 4.51 -45.17
N ALA B 64 2.60 5.27 -45.76
CA ALA B 64 2.66 5.54 -47.20
C ALA B 64 3.01 4.29 -48.00
N ASP B 65 3.85 3.44 -47.43
CA ASP B 65 4.53 2.35 -48.15
C ASP B 65 3.88 0.98 -47.92
N PHE B 66 3.09 0.84 -46.85
CA PHE B 66 2.52 -0.47 -46.47
C PHE B 66 1.02 -0.40 -46.14
N ARG B 67 0.33 -1.51 -46.38
CA ARG B 67 -0.97 -1.69 -45.75
C ARG B 67 -0.67 -2.03 -44.31
N VAL B 68 -1.34 -1.34 -43.41
CA VAL B 68 -1.13 -1.46 -41.94
C VAL B 68 -2.45 -1.76 -41.27
N ILE B 69 -2.49 -2.87 -40.54
CA ILE B 69 -3.67 -3.37 -39.84
C ILE B 69 -3.32 -3.51 -38.38
N VAL B 70 -4.21 -3.05 -37.51
CA VAL B 70 -4.02 -3.13 -36.04
C VAL B 70 -5.31 -3.60 -35.39
N PRO B 71 -5.42 -4.89 -35.05
CA PRO B 71 -6.62 -5.36 -34.37
C PRO B 71 -6.60 -4.94 -32.90
N ASN B 72 -7.77 -4.59 -32.42
CA ASN B 72 -8.00 -4.40 -30.98
C ASN B 72 -8.73 -5.61 -30.41
N TRP B 73 -8.27 -6.09 -29.26
CA TRP B 73 -8.82 -7.32 -28.64
C TRP B 73 -10.20 -7.08 -28.05
N ARG B 74 -10.89 -8.18 -27.78
CA ARG B 74 -12.19 -8.16 -27.06
C ARG B 74 -12.10 -7.26 -25.83
N GLY B 75 -13.01 -6.30 -25.71
CA GLY B 75 -13.05 -5.39 -24.57
C GLY B 75 -12.04 -4.25 -24.60
N HIS B 76 -11.22 -4.22 -25.65
CA HIS B 76 -10.19 -3.19 -25.83
C HIS B 76 -10.65 -2.19 -26.87
N GLY B 77 -10.16 -0.96 -26.76
CA GLY B 77 -10.44 0.12 -27.72
C GLY B 77 -10.64 1.44 -27.02
N LEU B 78 -11.14 2.43 -27.76
CA LEU B 78 -11.35 3.79 -27.21
C LEU B 78 -12.36 3.75 -26.06
N SER B 79 -13.28 2.79 -26.12
CA SER B 79 -14.24 2.54 -25.05
C SER B 79 -14.15 1.11 -24.54
N PRO B 80 -13.25 0.84 -23.57
CA PRO B 80 -13.13 -0.52 -23.03
C PRO B 80 -14.42 -1.05 -22.40
N SER B 81 -14.56 -2.36 -22.42
CA SER B 81 -15.75 -3.03 -21.86
C SER B 81 -15.41 -4.40 -21.29
N GLU B 82 -16.25 -4.83 -20.34
CA GLU B 82 -16.12 -6.18 -19.75
C GLU B 82 -16.61 -7.23 -20.73
N VAL B 83 -15.89 -8.35 -20.81
CA VAL B 83 -16.21 -9.41 -21.76
C VAL B 83 -15.92 -10.72 -21.07
N PRO B 84 -16.50 -11.84 -21.54
CA PRO B 84 -16.15 -13.14 -20.99
C PRO B 84 -14.67 -13.46 -21.16
N ASP B 85 -14.14 -14.25 -20.24
CA ASP B 85 -12.72 -14.67 -20.24
C ASP B 85 -12.27 -15.24 -21.57
N PHE B 86 -11.08 -14.83 -21.98
CA PHE B 86 -10.44 -15.31 -23.21
C PHE B 86 -8.95 -15.24 -22.96
N GLY B 87 -8.21 -15.82 -23.88
CA GLY B 87 -6.74 -15.81 -23.86
C GLY B 87 -6.09 -15.58 -25.20
N TYR B 88 -4.84 -15.98 -25.32
CA TYR B 88 -4.10 -15.68 -26.56
C TYR B 88 -4.62 -16.52 -27.73
N GLN B 89 -5.20 -17.68 -27.46
CA GLN B 89 -5.72 -18.56 -28.54
C GLN B 89 -6.86 -17.86 -29.26
N GLU B 90 -7.68 -17.19 -28.46
CA GLU B 90 -8.84 -16.44 -28.98
C GLU B 90 -8.37 -15.20 -29.71
N GLN B 91 -7.35 -14.52 -29.17
CA GLN B 91 -6.75 -13.37 -29.88
C GLN B 91 -6.33 -13.80 -31.29
N VAL B 92 -5.68 -14.94 -31.40
CA VAL B 92 -5.26 -15.51 -32.70
C VAL B 92 -6.44 -15.66 -33.65
N LYS B 93 -7.51 -16.29 -33.17
CA LYS B 93 -8.73 -16.54 -33.98
C LYS B 93 -9.34 -15.21 -34.42
N ASP B 94 -9.36 -14.25 -33.52
CA ASP B 94 -9.92 -12.92 -33.85
C ASP B 94 -9.10 -12.23 -34.92
N ALA B 95 -7.78 -12.27 -34.78
CA ALA B 95 -6.87 -11.67 -35.75
C ALA B 95 -7.08 -12.28 -37.13
N LEU B 96 -7.12 -13.60 -37.19
CA LEU B 96 -7.22 -14.31 -38.48
C LEU B 96 -8.58 -14.04 -39.14
N GLU B 97 -9.62 -13.85 -38.33
CA GLU B 97 -10.98 -13.61 -38.88
C GLU B 97 -10.99 -12.22 -39.49
N ILE B 98 -10.38 -11.27 -38.81
CA ILE B 98 -10.25 -9.89 -39.36
C ILE B 98 -9.50 -9.95 -40.70
N LEU B 99 -8.39 -10.68 -40.76
CA LEU B 99 -7.59 -10.76 -42.01
C LEU B 99 -8.43 -11.41 -43.12
N ASP B 100 -9.20 -12.44 -42.76
CA ASP B 100 -10.09 -13.14 -43.72
C ASP B 100 -11.14 -12.19 -44.27
N GLN B 101 -11.79 -11.41 -43.41
CA GLN B 101 -12.79 -10.42 -43.86
C GLN B 101 -12.19 -9.38 -44.80
N LEU B 102 -10.94 -9.01 -44.53
CA LEU B 102 -10.28 -7.93 -45.31
C LEU B 102 -9.64 -8.50 -46.57
N GLY B 103 -9.57 -9.82 -46.70
CA GLY B 103 -8.97 -10.46 -47.88
C GLY B 103 -7.46 -10.42 -47.90
N VAL B 104 -6.85 -10.30 -46.73
CA VAL B 104 -5.38 -10.24 -46.62
C VAL B 104 -4.84 -11.67 -46.60
N GLU B 105 -3.93 -11.99 -47.52
N GLU B 105 -3.93 -12.00 -47.53
CA GLU B 105 -3.29 -13.33 -47.63
CA GLU B 105 -3.29 -13.33 -47.62
C GLU B 105 -1.98 -13.29 -46.83
C GLU B 105 -1.98 -13.29 -46.83
N THR B 106 -0.94 -12.67 -47.39
CA THR B 106 0.41 -12.60 -46.76
C THR B 106 0.47 -11.43 -45.79
N PHE B 107 1.06 -11.68 -44.62
CA PHE B 107 1.26 -10.59 -43.63
C PHE B 107 2.54 -10.83 -42.83
N LEU B 108 3.08 -9.72 -42.33
CA LEU B 108 4.21 -9.68 -41.38
C LEU B 108 3.69 -9.21 -40.04
N PRO B 109 3.51 -10.11 -39.06
CA PRO B 109 3.06 -9.72 -37.74
C PRO B 109 4.21 -9.10 -36.95
N VAL B 110 3.86 -8.09 -36.19
CA VAL B 110 4.79 -7.30 -35.34
C VAL B 110 4.10 -7.15 -33.99
N SER B 111 4.68 -7.66 -32.92
CA SER B 111 4.01 -7.57 -31.58
C SER B 111 4.74 -6.64 -30.61
N HIS B 112 3.99 -6.16 -29.62
CA HIS B 112 4.52 -5.43 -28.46
C HIS B 112 4.35 -6.28 -27.21
N SER B 113 5.47 -6.55 -26.56
CA SER B 113 5.51 -7.29 -25.28
C SER B 113 4.65 -8.55 -25.36
N HIS B 114 3.68 -8.72 -24.47
CA HIS B 114 2.92 -9.99 -24.40
C HIS B 114 1.91 -10.17 -25.52
N GLY B 115 1.85 -9.24 -26.47
CA GLY B 115 1.22 -9.56 -27.76
C GLY B 115 1.99 -10.66 -28.46
N GLY B 116 3.23 -10.86 -28.05
CA GLY B 116 4.06 -11.95 -28.56
C GLY B 116 3.46 -13.34 -28.44
N TRP B 117 2.65 -13.63 -27.42
CA TRP B 117 1.99 -14.95 -27.29
C TRP B 117 1.08 -15.14 -28.48
N VAL B 118 0.41 -14.07 -28.86
CA VAL B 118 -0.47 -14.09 -30.06
C VAL B 118 0.38 -14.25 -31.33
N LEU B 119 1.47 -13.50 -31.44
CA LEU B 119 2.31 -13.53 -32.67
C LEU B 119 2.83 -14.94 -32.88
N VAL B 120 3.37 -15.57 -31.83
CA VAL B 120 4.03 -16.90 -32.04
C VAL B 120 2.98 -17.96 -32.40
N GLU B 121 1.83 -17.88 -31.76
CA GLU B 121 0.71 -18.83 -32.05
C GLU B 121 0.18 -18.56 -33.44
N LEU B 122 0.15 -17.29 -33.82
CA LEU B 122 -0.30 -16.94 -35.18
C LEU B 122 0.64 -17.54 -36.23
N LEU B 123 1.95 -17.52 -35.99
CA LEU B 123 2.94 -18.09 -36.92
C LEU B 123 2.63 -19.57 -37.08
N GLU B 124 2.39 -20.25 -35.96
CA GLU B 124 2.06 -21.69 -35.98
C GLU B 124 0.79 -21.93 -36.80
N GLN B 125 -0.30 -21.23 -36.48
CA GLN B 125 -1.62 -21.57 -37.07
C GLN B 125 -1.73 -21.12 -38.53
N ALA B 126 -1.20 -19.95 -38.86
CA ALA B 126 -1.28 -19.38 -40.22
C ALA B 126 -0.30 -20.08 -41.18
N GLY B 127 0.80 -20.59 -40.65
CA GLY B 127 1.84 -21.23 -41.45
C GLY B 127 2.79 -20.26 -42.15
N PRO B 128 3.92 -20.80 -42.66
CA PRO B 128 5.00 -19.97 -43.19
C PRO B 128 4.75 -19.38 -44.57
N GLU B 129 3.68 -19.80 -45.24
CA GLU B 129 3.30 -19.24 -46.55
C GLU B 129 2.63 -17.89 -46.30
N ARG B 130 1.64 -17.91 -45.42
CA ARG B 130 0.89 -16.69 -45.06
C ARG B 130 1.71 -15.76 -44.15
N ALA B 131 2.44 -16.33 -43.20
CA ALA B 131 3.20 -15.58 -42.18
C ALA B 131 4.66 -16.01 -42.23
N PRO B 132 5.43 -15.54 -43.23
CA PRO B 132 6.79 -16.07 -43.43
C PRO B 132 7.82 -15.66 -42.38
N ARG B 133 7.57 -14.52 -41.73
CA ARG B 133 8.49 -13.92 -40.73
C ARG B 133 7.70 -13.22 -39.63
N GLY B 134 8.39 -12.84 -38.55
CA GLY B 134 7.78 -12.09 -37.45
C GLY B 134 8.75 -11.18 -36.73
N ILE B 135 8.26 -10.07 -36.21
CA ILE B 135 9.07 -9.17 -35.36
C ILE B 135 8.40 -9.06 -34.01
N ILE B 136 9.16 -9.36 -32.97
CA ILE B 136 8.69 -9.22 -31.57
C ILE B 136 9.43 -8.05 -30.97
N MET B 137 8.67 -7.13 -30.37
CA MET B 137 9.24 -5.97 -29.69
C MET B 137 9.16 -6.16 -28.19
N ASP B 138 10.25 -5.83 -27.51
CA ASP B 138 10.37 -5.73 -26.04
C ASP B 138 9.47 -6.73 -25.33
N TRP B 139 9.93 -7.98 -25.34
CA TRP B 139 9.13 -9.10 -24.80
C TRP B 139 10.05 -9.91 -23.90
N LEU B 140 9.75 -9.97 -22.61
CA LEU B 140 10.59 -10.68 -21.60
C LEU B 140 10.79 -12.12 -22.00
N MET B 141 12.03 -12.46 -22.34
CA MET B 141 12.38 -13.74 -22.98
C MET B 141 12.54 -14.83 -21.94
N TRP B 142 12.94 -14.43 -20.75
CA TRP B 142 13.14 -15.36 -19.62
C TRP B 142 11.85 -15.52 -18.82
N ALA B 143 11.80 -16.58 -18.03
CA ALA B 143 10.72 -16.85 -17.07
C ALA B 143 10.64 -15.73 -16.05
N PRO B 144 9.44 -15.49 -15.47
CA PRO B 144 9.28 -14.41 -14.50
C PRO B 144 10.28 -14.39 -13.35
N LYS B 145 11.00 -13.28 -13.25
CA LYS B 145 11.81 -12.93 -12.08
C LYS B 145 10.89 -12.58 -10.92
N PRO B 146 11.42 -12.57 -9.68
CA PRO B 146 10.60 -12.26 -8.52
C PRO B 146 9.72 -11.00 -8.63
N ASP B 147 10.29 -9.92 -9.14
CA ASP B 147 9.57 -8.63 -9.25
C ASP B 147 8.39 -8.74 -10.22
N PHE B 148 8.65 -9.29 -11.40
CA PHE B 148 7.58 -9.50 -12.42
C PHE B 148 6.52 -10.46 -11.90
N ALA B 149 6.95 -11.57 -11.30
CA ALA B 149 6.00 -12.54 -10.68
C ALA B 149 5.09 -11.86 -9.67
N LYS B 150 5.66 -10.93 -8.91
CA LYS B 150 4.93 -10.16 -7.89
C LYS B 150 3.93 -9.24 -8.56
N SER B 151 4.33 -8.62 -9.65
CA SER B 151 3.43 -7.72 -10.41
C SER B 151 2.21 -8.48 -10.93
N LEU B 152 2.43 -9.68 -11.47
CA LEU B 152 1.32 -10.51 -11.99
C LEU B 152 0.32 -10.80 -10.87
N THR B 153 0.84 -11.16 -9.69
CA THR B 153 -0.01 -11.50 -8.53
C THR B 153 -0.87 -10.29 -8.13
N LEU B 154 -0.29 -9.10 -8.16
CA LEU B 154 -1.02 -7.86 -7.79
C LEU B 154 -2.12 -7.57 -8.83
N LEU B 155 -1.80 -7.73 -10.10
CA LEU B 155 -2.79 -7.52 -11.19
C LEU B 155 -4.03 -8.42 -11.03
N LYS B 156 -3.81 -9.64 -10.52
CA LYS B 156 -4.89 -10.65 -10.34
C LYS B 156 -5.77 -10.34 -9.13
N ASP B 157 -5.31 -9.45 -8.26
CA ASP B 157 -5.93 -9.17 -6.93
C ASP B 157 -6.89 -8.00 -7.08
N PRO B 158 -8.18 -8.25 -6.82
CA PRO B 158 -9.15 -7.18 -6.96
C PRO B 158 -8.90 -5.94 -6.10
N GLU B 159 -8.16 -6.16 -5.00
CA GLU B 159 -7.78 -5.14 -4.02
C GLU B 159 -6.50 -4.38 -4.38
N ARG B 160 -5.67 -4.93 -5.27
CA ARG B 160 -4.29 -4.40 -5.45
C ARG B 160 -3.89 -4.25 -6.91
N TRP B 161 -4.83 -4.39 -7.84
CA TRP B 161 -4.49 -4.39 -9.28
C TRP B 161 -3.91 -3.05 -9.67
N ARG B 162 -4.46 -1.96 -9.15
CA ARG B 162 -4.00 -0.63 -9.56
C ARG B 162 -2.56 -0.39 -9.06
N GLU B 163 -2.28 -0.82 -7.83
CA GLU B 163 -0.90 -0.87 -7.30
C GLU B 163 0.02 -1.64 -8.25
N GLY B 164 -0.47 -2.80 -8.73
CA GLY B 164 0.24 -3.60 -9.74
C GLY B 164 0.61 -2.80 -10.97
N THR B 165 -0.38 -2.12 -11.55
CA THR B 165 -0.12 -1.28 -12.75
C THR B 165 0.92 -0.20 -12.46
N HIS B 166 0.84 0.46 -11.31
CA HIS B 166 1.80 1.52 -10.96
C HIS B 166 3.22 0.99 -10.88
N GLY B 167 3.37 -0.20 -10.32
CA GLY B 167 4.67 -0.85 -10.25
C GLY B 167 5.23 -1.14 -11.62
N LEU B 168 4.36 -1.56 -12.52
CA LEU B 168 4.80 -1.87 -13.89
C LEU B 168 5.18 -0.57 -14.59
N PHE B 169 4.41 0.48 -14.35
CA PHE B 169 4.71 1.77 -15.00
C PHE B 169 6.10 2.25 -14.58
N ASP B 170 6.45 2.07 -13.31
CA ASP B 170 7.77 2.48 -12.78
C ASP B 170 8.85 1.77 -13.57
N VAL B 171 8.65 0.48 -13.77
CA VAL B 171 9.65 -0.37 -14.47
C VAL B 171 9.77 0.06 -15.91
N TRP B 172 8.62 0.23 -16.56
CA TRP B 172 8.58 0.49 -18.01
C TRP B 172 9.21 1.84 -18.35
N LEU B 173 9.01 2.81 -17.46
CA LEU B 173 9.52 4.17 -17.67
C LEU B 173 11.00 4.24 -17.35
N ASP B 174 11.46 3.39 -16.42
CA ASP B 174 12.90 3.21 -16.10
C ASP B 174 13.57 4.54 -15.73
N GLY B 175 12.82 5.39 -15.04
CA GLY B 175 13.34 6.63 -14.48
C GLY B 175 13.44 7.77 -15.46
N HIS B 176 12.74 7.63 -16.59
CA HIS B 176 12.75 8.64 -17.67
C HIS B 176 11.47 9.45 -17.66
N ASP B 177 11.64 10.75 -17.89
CA ASP B 177 10.52 11.69 -18.03
C ASP B 177 10.15 11.76 -19.50
N GLU B 178 9.70 10.63 -20.02
CA GLU B 178 9.38 10.45 -21.46
C GLU B 178 7.92 10.80 -21.70
N LYS B 179 7.71 12.01 -22.22
CA LYS B 179 6.39 12.65 -22.42
C LYS B 179 5.37 11.69 -23.06
N ARG B 180 5.78 11.14 -24.20
CA ARG B 180 4.89 10.32 -25.04
C ARG B 180 4.50 9.03 -24.37
N VAL B 181 5.48 8.39 -23.73
CA VAL B 181 5.22 7.12 -23.01
C VAL B 181 4.33 7.40 -21.78
N ARG B 182 4.65 8.45 -21.03
CA ARG B 182 3.81 8.85 -19.89
C ARG B 182 2.37 9.09 -20.33
N HIS B 183 2.18 9.81 -21.44
CA HIS B 183 0.82 10.05 -21.97
C HIS B 183 0.11 8.74 -22.26
N HIS B 184 0.83 7.80 -22.85
CA HIS B 184 0.20 6.51 -23.15
C HIS B 184 -0.26 5.78 -21.90
N LEU B 185 0.62 5.68 -20.91
CA LEU B 185 0.32 4.91 -19.68
C LEU B 185 -0.73 5.58 -18.81
N LEU B 186 -0.60 6.89 -18.65
CA LEU B 186 -1.41 7.66 -17.68
C LEU B 186 -2.73 8.16 -18.27
N GLU B 187 -2.81 8.32 -19.59
CA GLU B 187 -4.05 8.77 -20.26
C GLU B 187 -4.64 7.62 -21.07
N GLU B 188 -3.86 7.06 -21.99
CA GLU B 188 -4.42 6.15 -23.01
C GLU B 188 -4.73 4.77 -22.44
N MET B 189 -4.15 4.42 -21.29
CA MET B 189 -4.54 3.19 -20.58
C MET B 189 -5.48 3.48 -19.41
N ALA B 190 -5.86 4.73 -19.17
CA ALA B 190 -6.54 5.14 -17.93
C ALA B 190 -7.89 4.45 -17.74
N ASP B 191 -8.56 4.11 -18.84
CA ASP B 191 -9.96 3.62 -18.85
C ASP B 191 -10.05 2.12 -18.58
N TYR B 192 -8.92 1.44 -18.63
CA TYR B 192 -8.85 -0.02 -18.47
C TYR B 192 -8.86 -0.34 -16.99
N GLY B 193 -9.58 -1.40 -16.64
CA GLY B 193 -9.85 -1.77 -15.24
C GLY B 193 -9.39 -3.15 -14.91
N TYR B 194 -9.89 -3.64 -13.79
CA TYR B 194 -9.55 -4.98 -13.26
C TYR B 194 -9.94 -6.07 -14.25
N ASP B 195 -11.07 -5.88 -14.95
CA ASP B 195 -11.52 -6.88 -15.93
C ASP B 195 -10.38 -7.19 -16.92
N CYS B 196 -9.68 -6.15 -17.38
CA CYS B 196 -8.53 -6.35 -18.30
C CYS B 196 -7.28 -6.76 -17.54
N TRP B 197 -6.91 -6.00 -16.52
CA TRP B 197 -5.60 -6.23 -15.84
C TRP B 197 -5.56 -7.60 -15.18
N GLY B 198 -6.64 -7.97 -14.49
CA GLY B 198 -6.69 -9.30 -13.87
C GLY B 198 -6.59 -10.40 -14.89
N ARG B 199 -7.29 -10.24 -16.01
CA ARG B 199 -7.24 -11.21 -17.13
C ARG B 199 -5.82 -11.34 -17.66
N SER B 200 -5.16 -10.20 -17.85
CA SER B 200 -3.78 -10.15 -18.35
C SER B 200 -2.87 -10.92 -17.40
N GLY B 201 -3.06 -10.74 -16.10
CA GLY B 201 -2.30 -11.51 -15.09
C GLY B 201 -2.52 -13.00 -15.19
N ARG B 202 -3.77 -13.41 -15.33
CA ARG B 202 -4.09 -14.84 -15.46
C ARG B 202 -3.52 -15.41 -16.75
N VAL B 203 -3.71 -14.71 -17.86
CA VAL B 203 -3.28 -15.21 -19.20
C VAL B 203 -1.75 -15.34 -19.30
N ILE B 204 -1.05 -14.28 -18.90
CA ILE B 204 0.44 -14.24 -18.95
C ILE B 204 1.03 -15.26 -18.00
N GLU B 205 0.51 -15.31 -16.78
CA GLU B 205 1.00 -16.31 -15.81
C GLU B 205 0.88 -17.72 -16.36
N ASP B 206 -0.27 -18.02 -16.93
CA ASP B 206 -0.52 -19.35 -17.55
C ASP B 206 0.35 -19.60 -18.78
N ALA B 207 0.51 -18.58 -19.62
CA ALA B 207 1.33 -18.69 -20.84
C ALA B 207 2.75 -19.10 -20.49
N TYR B 208 3.35 -18.42 -19.54
CA TYR B 208 4.69 -18.84 -19.04
C TYR B 208 4.61 -20.24 -18.46
N GLY B 209 3.59 -20.53 -17.66
CA GLY B 209 3.50 -21.85 -17.00
C GLY B 209 3.43 -22.98 -17.99
N ARG B 210 2.61 -22.81 -19.00
CA ARG B 210 2.30 -23.88 -19.97
C ARG B 210 3.34 -23.97 -21.08
N ASN B 211 3.82 -22.83 -21.57
CA ASN B 211 4.77 -22.80 -22.71
C ASN B 211 6.22 -22.70 -22.24
N GLY B 212 6.43 -22.53 -20.94
CA GLY B 212 7.75 -22.32 -20.33
C GLY B 212 8.27 -20.91 -20.48
N SER B 213 8.48 -20.49 -21.73
CA SER B 213 9.01 -19.15 -22.02
C SER B 213 8.79 -18.81 -23.47
N PRO B 214 8.82 -17.52 -23.84
CA PRO B 214 8.78 -17.14 -25.24
C PRO B 214 9.78 -17.91 -26.12
N MET B 215 10.99 -18.13 -25.60
CA MET B 215 12.06 -18.81 -26.37
C MET B 215 11.74 -20.27 -26.60
N GLN B 216 11.29 -20.94 -25.54
CA GLN B 216 10.78 -22.32 -25.68
C GLN B 216 9.65 -22.42 -26.71
N MET B 217 8.66 -21.55 -26.60
CA MET B 217 7.52 -21.55 -27.53
C MET B 217 7.97 -21.37 -28.97
N MET B 218 8.84 -20.40 -29.21
CA MET B 218 9.37 -20.12 -30.54
C MET B 218 10.13 -21.33 -31.08
N ALA B 219 10.98 -21.94 -30.25
CA ALA B 219 11.78 -23.09 -30.67
C ALA B 219 10.93 -24.30 -31.00
N ASN B 220 9.74 -24.37 -30.40
CA ASN B 220 8.79 -25.50 -30.58
C ASN B 220 7.89 -25.32 -31.80
N LEU B 221 7.96 -24.20 -32.52
CA LEU B 221 7.18 -24.03 -33.79
C LEU B 221 7.43 -25.22 -34.71
N THR B 222 6.36 -25.69 -35.33
CA THR B 222 6.41 -26.80 -36.30
C THR B 222 7.32 -26.39 -37.47
N LYS B 223 7.14 -25.17 -37.95
CA LYS B 223 7.94 -24.62 -39.04
C LYS B 223 8.63 -23.37 -38.54
N THR B 224 9.85 -23.51 -38.10
CA THR B 224 10.66 -22.34 -37.69
C THR B 224 10.90 -21.43 -38.89
N ARG B 225 11.08 -20.14 -38.62
CA ARG B 225 11.21 -19.15 -39.69
C ARG B 225 11.80 -17.90 -39.07
N PRO B 226 12.27 -16.93 -39.89
CA PRO B 226 12.91 -15.74 -39.33
C PRO B 226 12.03 -14.92 -38.38
N ILE B 227 12.56 -14.75 -37.17
CA ILE B 227 11.95 -13.93 -36.09
C ILE B 227 13.08 -13.05 -35.55
N ARG B 228 12.82 -11.76 -35.41
CA ARG B 228 13.79 -10.83 -34.76
C ARG B 228 13.17 -10.24 -33.51
N HIS B 229 13.92 -10.24 -32.43
CA HIS B 229 13.53 -9.55 -31.19
C HIS B 229 14.23 -8.21 -31.16
N ILE B 230 13.47 -7.14 -31.22
CA ILE B 230 14.03 -5.78 -31.08
C ILE B 230 13.54 -5.21 -29.76
N PHE B 231 14.46 -4.73 -28.96
CA PHE B 231 14.14 -4.35 -27.57
C PHE B 231 15.06 -3.24 -27.07
N SER B 232 14.51 -2.45 -26.16
CA SER B 232 15.26 -1.45 -25.39
C SER B 232 15.52 -1.91 -23.93
N GLN B 233 14.61 -2.69 -23.34
CA GLN B 233 14.71 -3.08 -21.91
C GLN B 233 14.40 -4.57 -21.80
N PRO B 234 14.90 -5.25 -20.73
CA PRO B 234 15.83 -4.71 -19.73
C PRO B 234 17.20 -4.38 -20.35
N THR B 235 17.98 -3.63 -19.61
CA THR B 235 19.22 -2.96 -20.11
C THR B 235 20.46 -3.78 -19.79
N GLU B 236 20.32 -4.76 -18.89
CA GLU B 236 21.46 -5.48 -18.26
C GLU B 236 22.15 -6.41 -19.24
N PRO B 237 23.49 -6.53 -19.15
CA PRO B 237 24.24 -7.50 -19.93
C PRO B 237 23.73 -8.94 -19.93
N GLU B 238 23.23 -9.41 -18.78
CA GLU B 238 22.74 -10.80 -18.65
C GLU B 238 21.57 -11.06 -19.61
N TYR B 239 20.74 -10.04 -19.85
CA TYR B 239 19.61 -10.16 -20.80
C TYR B 239 20.10 -10.24 -22.25
N GLU B 240 21.02 -9.35 -22.59
CA GLU B 240 21.65 -9.34 -23.92
C GLU B 240 22.20 -10.73 -24.19
N LYS B 241 22.84 -11.30 -23.18
CA LYS B 241 23.50 -12.63 -23.32
C LYS B 241 22.48 -13.71 -23.69
N ILE B 242 21.34 -13.77 -23.03
CA ILE B 242 20.35 -14.83 -23.35
C ILE B 242 19.90 -14.68 -24.80
N ASN B 243 19.76 -13.46 -25.27
CA ASN B 243 19.36 -13.22 -26.68
C ASN B 243 20.48 -13.68 -27.61
N SER B 244 21.74 -13.36 -27.27
CA SER B 244 22.90 -13.72 -28.12
C SER B 244 23.04 -15.26 -28.17
N ASP B 245 22.91 -15.94 -27.02
CA ASP B 245 23.02 -17.41 -26.93
C ASP B 245 21.95 -18.08 -27.78
N PHE B 246 20.70 -17.63 -27.67
CA PHE B 246 19.59 -18.15 -28.49
C PHE B 246 19.89 -17.98 -29.99
N ALA B 247 20.36 -16.80 -30.40
CA ALA B 247 20.64 -16.48 -31.81
C ALA B 247 21.76 -17.37 -32.36
N GLU B 248 22.75 -17.67 -31.50
CA GLU B 248 23.85 -18.60 -31.89
C GLU B 248 23.30 -19.98 -32.19
N GLN B 249 22.36 -20.44 -31.36
CA GLN B 249 21.82 -21.79 -31.46
C GLN B 249 20.83 -21.90 -32.63
N HIS B 250 20.21 -20.77 -32.99
CA HIS B 250 19.09 -20.81 -33.96
C HIS B 250 19.35 -19.85 -35.10
N PRO B 251 19.64 -20.37 -36.33
CA PRO B 251 19.85 -19.49 -37.45
C PRO B 251 18.70 -18.50 -37.72
N TRP B 252 17.47 -18.94 -37.50
CA TRP B 252 16.25 -18.16 -37.76
C TRP B 252 16.03 -17.05 -36.73
N PHE B 253 16.79 -17.03 -35.62
CA PHE B 253 16.58 -15.98 -34.60
C PHE B 253 17.66 -14.90 -34.64
N SER B 254 17.23 -13.67 -34.58
CA SER B 254 18.15 -12.52 -34.52
C SER B 254 17.56 -11.54 -33.53
N TYR B 255 18.37 -10.57 -33.11
CA TYR B 255 17.90 -9.52 -32.20
C TYR B 255 18.62 -8.21 -32.52
N ALA B 256 18.06 -7.13 -32.00
CA ALA B 256 18.74 -5.83 -32.00
C ALA B 256 18.37 -5.11 -30.72
N LYS B 257 19.38 -4.67 -29.98
CA LYS B 257 19.17 -3.71 -28.88
C LYS B 257 19.05 -2.31 -29.45
N LEU B 258 17.93 -1.66 -29.17
CA LEU B 258 17.54 -0.38 -29.80
C LEU B 258 18.05 0.84 -29.03
N GLY B 259 18.32 0.68 -27.74
CA GLY B 259 18.86 1.75 -26.90
C GLY B 259 17.85 2.84 -26.56
N GLY B 260 16.57 2.56 -26.79
CA GLY B 260 15.49 3.48 -26.42
C GLY B 260 15.35 3.56 -24.91
N PRO B 261 14.77 4.67 -24.40
CA PRO B 261 14.64 4.85 -22.95
C PRO B 261 13.67 3.92 -22.22
N THR B 262 12.56 3.57 -22.86
CA THR B 262 11.45 2.89 -22.16
C THR B 262 11.15 1.53 -22.77
N HIS B 263 10.14 0.88 -22.21
CA HIS B 263 9.62 -0.45 -22.65
C HIS B 263 8.76 -0.32 -23.90
N PHE B 264 8.62 0.88 -24.43
CA PHE B 264 7.72 1.16 -25.56
C PHE B 264 8.49 1.79 -26.72
N PRO B 265 9.34 1.00 -27.41
CA PRO B 265 10.04 1.50 -28.59
C PRO B 265 9.14 1.97 -29.74
N ALA B 266 7.95 1.41 -29.83
CA ALA B 266 6.94 1.79 -30.83
C ALA B 266 6.61 3.26 -30.66
N ILE B 267 6.79 3.78 -29.45
CA ILE B 267 6.47 5.19 -29.12
C ILE B 267 7.72 6.05 -29.11
N ASP B 268 8.79 5.59 -28.46
CA ASP B 268 9.98 6.43 -28.22
C ASP B 268 11.08 6.36 -29.27
N VAL B 269 11.15 5.27 -30.04
CA VAL B 269 12.07 5.15 -31.19
C VAL B 269 11.36 4.55 -32.39
N PRO B 270 10.22 5.15 -32.81
CA PRO B 270 9.44 4.56 -33.89
C PRO B 270 10.19 4.43 -35.23
N ASP B 271 11.09 5.38 -35.50
CA ASP B 271 11.94 5.35 -36.71
C ASP B 271 12.78 4.09 -36.73
N ARG B 272 13.30 3.71 -35.57
CA ARG B 272 14.15 2.53 -35.42
C ARG B 272 13.33 1.27 -35.55
N ALA B 273 12.20 1.19 -34.87
CA ALA B 273 11.27 0.07 -35.05
C ALA B 273 10.96 -0.12 -36.53
N ALA B 274 10.64 0.99 -37.20
CA ALA B 274 10.20 0.92 -38.62
C ALA B 274 11.29 0.38 -39.55
N VAL B 275 12.57 0.71 -39.31
CA VAL B 275 13.62 0.25 -40.25
C VAL B 275 13.73 -1.27 -40.15
N HIS B 276 13.48 -1.85 -38.98
CA HIS B 276 13.59 -3.32 -38.83
C HIS B 276 12.42 -4.00 -39.51
N ILE B 277 11.25 -3.41 -39.36
CA ILE B 277 10.01 -3.92 -40.00
C ILE B 277 10.14 -3.83 -41.52
N ARG B 278 10.63 -2.69 -42.01
CA ARG B 278 10.87 -2.52 -43.48
C ARG B 278 11.85 -3.55 -44.03
N GLU B 279 12.92 -3.81 -43.28
CA GLU B 279 13.92 -4.81 -43.72
C GLU B 279 13.26 -6.16 -43.88
N PHE B 280 12.45 -6.54 -42.91
CA PHE B 280 11.78 -7.86 -42.98
C PHE B 280 10.76 -7.88 -44.11
N ALA B 281 10.05 -6.77 -44.33
CA ALA B 281 9.02 -6.72 -45.40
C ALA B 281 9.66 -6.82 -46.79
N THR B 282 10.78 -6.13 -46.95
CA THR B 282 11.60 -6.20 -48.19
C THR B 282 12.08 -7.62 -48.46
N ALA B 283 12.59 -8.28 -47.43
CA ALA B 283 13.07 -9.66 -47.53
C ALA B 283 11.96 -10.57 -48.05
N ILE B 284 10.77 -10.41 -47.50
CA ILE B 284 9.58 -11.21 -47.90
C ILE B 284 9.25 -10.94 -49.36
N ARG B 285 9.19 -9.66 -49.73
CA ARG B 285 8.88 -9.26 -51.12
C ARG B 285 9.84 -9.93 -52.11
N GLN B 286 11.13 -10.04 -51.76
CA GLN B 286 12.18 -10.70 -52.58
C GLN B 286 12.20 -12.21 -52.25
N GLY B 287 11.21 -12.96 -52.74
CA GLY B 287 11.16 -14.43 -52.66
C GLY B 287 10.73 -14.91 -51.28
N MET C 13 1.94 40.96 -9.44
CA MET C 13 0.86 40.17 -8.75
C MET C 13 1.46 38.86 -8.20
N THR C 14 0.61 37.84 -8.01
CA THR C 14 0.92 36.48 -7.50
C THR C 14 0.92 36.48 -5.96
N ASP C 15 1.07 37.64 -5.32
CA ASP C 15 0.95 37.84 -3.85
C ASP C 15 -0.53 38.03 -3.49
N THR C 16 -1.43 37.74 -4.43
CA THR C 16 -2.90 37.71 -4.26
C THR C 16 -3.27 36.65 -3.22
N TYR C 17 -2.54 35.53 -3.19
CA TYR C 17 -2.81 34.36 -2.33
C TYR C 17 -1.96 34.35 -1.08
N LEU C 18 -1.30 35.46 -0.79
CA LEU C 18 -0.35 35.54 0.35
C LEU C 18 -1.09 35.97 1.62
N HIS C 19 -0.86 35.20 2.68
CA HIS C 19 -1.53 35.40 3.98
C HIS C 19 -0.47 35.41 5.05
N GLU C 20 -0.91 35.70 6.27
CA GLU C 20 -0.01 35.71 7.43
C GLU C 20 -0.84 35.32 8.65
N THR C 21 -0.27 34.48 9.51
CA THR C 21 -0.98 34.01 10.71
C THR C 21 0.04 33.79 11.83
N LEU C 22 -0.47 33.81 13.05
CA LEU C 22 0.35 33.47 14.25
C LEU C 22 0.44 31.94 14.41
N VAL C 23 1.66 31.43 14.34
CA VAL C 23 1.93 29.98 14.50
C VAL C 23 2.74 29.88 15.78
N PHE C 24 2.06 29.47 16.86
CA PHE C 24 2.63 29.40 18.24
C PHE C 24 3.07 30.81 18.65
N ASP C 25 4.37 31.13 18.51
CA ASP C 25 5.00 32.38 19.02
C ASP C 25 5.38 33.31 17.87
N ASN C 26 5.35 32.81 16.63
CA ASN C 26 5.92 33.51 15.46
C ASN C 26 4.86 33.74 14.39
N LYS C 27 4.90 34.92 13.79
CA LYS C 27 4.03 35.24 12.64
C LYS C 27 4.67 34.66 11.39
N LEU C 28 3.98 33.75 10.74
CA LEU C 28 4.48 33.13 9.49
C LEU C 28 3.60 33.56 8.34
N SER C 29 4.20 33.85 7.20
CA SER C 29 3.47 34.05 5.95
C SER C 29 3.33 32.71 5.24
N TYR C 30 2.30 32.61 4.42
CA TYR C 30 2.02 31.40 3.65
C TYR C 30 1.18 31.73 2.44
N ILE C 31 1.38 30.98 1.38
CA ILE C 31 0.45 31.00 0.23
C ILE C 31 -0.70 30.04 0.51
N ASP C 32 -1.91 30.45 0.15
CA ASP C 32 -3.08 29.55 0.09
C ASP C 32 -4.04 30.07 -0.95
N ASN C 33 -4.22 29.34 -2.05
CA ASN C 33 -5.05 29.82 -3.16
C ASN C 33 -6.53 29.63 -2.85
N GLN C 34 -6.83 28.89 -1.79
CA GLN C 34 -8.19 28.72 -1.26
C GLN C 34 -9.13 28.22 -2.37
N ARG C 35 -8.64 27.31 -3.21
CA ARG C 35 -9.41 26.76 -4.36
C ARG C 35 -10.46 25.80 -3.80
N ASP C 36 -11.71 25.95 -4.24
CA ASP C 36 -12.86 25.09 -3.83
C ASP C 36 -12.88 23.87 -4.77
N THR C 37 -12.17 22.79 -4.39
CA THR C 37 -11.99 21.57 -5.21
C THR C 37 -11.73 20.36 -4.31
N ASP C 38 -11.78 19.16 -4.89
CA ASP C 38 -11.50 17.86 -4.22
C ASP C 38 -10.02 17.80 -3.83
N GLY C 39 -9.71 17.20 -2.67
CA GLY C 39 -8.34 16.99 -2.19
C GLY C 39 -7.60 15.96 -3.06
N PRO C 40 -6.30 15.71 -2.79
CA PRO C 40 -5.58 16.33 -1.66
C PRO C 40 -5.13 17.76 -1.96
N ALA C 41 -4.88 18.52 -0.90
CA ALA C 41 -4.17 19.81 -1.04
C ALA C 41 -2.73 19.50 -1.46
N ILE C 42 -2.16 20.36 -2.29
CA ILE C 42 -0.71 20.30 -2.64
C ILE C 42 0.03 21.22 -1.66
N LEU C 43 0.92 20.65 -0.84
CA LEU C 43 1.74 21.39 0.14
C LEU C 43 3.16 21.54 -0.42
N LEU C 44 3.47 22.70 -0.96
CA LEU C 44 4.80 22.99 -1.53
C LEU C 44 5.71 23.48 -0.42
N LEU C 45 6.86 22.82 -0.25
CA LEU C 45 7.76 23.11 0.88
C LEU C 45 9.05 23.75 0.38
N PRO C 46 9.35 25.02 0.74
CA PRO C 46 10.63 25.60 0.38
C PRO C 46 11.79 24.92 1.13
N GLY C 47 12.94 25.01 0.52
CA GLY C 47 14.20 24.74 1.23
C GLY C 47 14.55 25.86 2.18
N TRP C 48 15.84 25.99 2.47
CA TRP C 48 16.37 26.99 3.42
C TRP C 48 16.71 28.28 2.71
N CYS C 49 16.33 29.38 3.33
CA CYS C 49 16.77 30.73 2.96
C CYS C 49 16.23 31.16 1.61
N HIS C 50 15.03 30.67 1.34
CA HIS C 50 14.19 31.24 0.29
C HIS C 50 12.75 30.89 0.64
N ASP C 51 11.86 31.38 -0.21
CA ASP C 51 10.44 31.44 0.16
C ASP C 51 9.57 31.06 -1.02
N HIS C 52 8.27 31.23 -0.84
CA HIS C 52 7.22 30.87 -1.80
C HIS C 52 7.55 31.38 -3.21
N ARG C 53 8.34 32.44 -3.31
CA ARG C 53 8.66 33.02 -4.63
C ARG C 53 9.30 31.97 -5.55
N VAL C 54 10.03 31.00 -4.99
CA VAL C 54 10.60 29.88 -5.79
C VAL C 54 9.53 29.13 -6.59
N TYR C 55 8.29 29.14 -6.10
CA TYR C 55 7.20 28.32 -6.63
C TYR C 55 6.20 29.10 -7.46
N LYS C 56 6.49 30.36 -7.74
CA LYS C 56 5.50 31.18 -8.46
C LYS C 56 5.12 30.58 -9.82
N TYR C 57 6.04 29.93 -10.52
CA TYR C 57 5.74 29.34 -11.85
C TYR C 57 4.97 28.04 -11.70
N LEU C 58 5.34 27.25 -10.70
CA LEU C 58 4.69 25.96 -10.44
C LEU C 58 3.26 26.18 -9.93
N ILE C 59 3.08 27.17 -9.06
CA ILE C 59 1.73 27.55 -8.60
C ILE C 59 0.83 27.82 -9.80
N GLN C 60 1.34 28.59 -10.75
CA GLN C 60 0.59 28.91 -12.00
C GLN C 60 0.17 27.65 -12.74
N GLU C 61 1.01 26.61 -12.76
CA GLU C 61 0.64 25.34 -13.43
C GLU C 61 -0.49 24.61 -12.71
N LEU C 62 -0.55 24.72 -11.39
CA LEU C 62 -1.45 23.87 -10.58
C LEU C 62 -2.70 24.59 -10.10
N ASP C 63 -2.70 25.92 -10.21
CA ASP C 63 -3.61 26.82 -9.49
C ASP C 63 -5.09 26.49 -9.68
N ALA C 64 -5.50 26.25 -10.91
CA ALA C 64 -6.92 26.07 -11.28
C ALA C 64 -7.50 24.78 -10.72
N ASP C 65 -6.66 23.75 -10.64
CA ASP C 65 -7.10 22.35 -10.41
C ASP C 65 -6.90 21.90 -8.97
N PHE C 66 -6.05 22.59 -8.20
CA PHE C 66 -5.68 22.15 -6.84
C PHE C 66 -5.73 23.29 -5.82
N ARG C 67 -6.02 22.95 -4.58
CA ARG C 67 -5.69 23.84 -3.47
C ARG C 67 -4.19 23.73 -3.30
N VAL C 68 -3.54 24.88 -3.23
CA VAL C 68 -2.06 24.97 -3.15
C VAL C 68 -1.69 25.83 -1.95
N ILE C 69 -0.89 25.25 -1.07
CA ILE C 69 -0.44 25.87 0.19
C ILE C 69 1.08 25.87 0.18
N VAL C 70 1.67 27.00 0.55
CA VAL C 70 3.13 27.15 0.61
C VAL C 70 3.51 27.85 1.90
N PRO C 71 3.93 27.11 2.95
CA PRO C 71 4.37 27.76 4.17
C PRO C 71 5.74 28.37 3.99
N ASN C 72 5.91 29.52 4.61
CA ASN C 72 7.24 30.13 4.78
C ASN C 72 7.74 29.92 6.20
N TRP C 73 9.00 29.54 6.34
CA TRP C 73 9.58 29.19 7.65
C TRP C 73 9.79 30.45 8.50
N ARG C 74 10.01 30.21 9.80
CA ARG C 74 10.37 31.29 10.75
C ARG C 74 11.51 32.14 10.16
N GLY C 75 11.32 33.45 10.12
CA GLY C 75 12.34 34.38 9.61
C GLY C 75 12.43 34.47 8.10
N HIS C 76 11.62 33.68 7.41
CA HIS C 76 11.59 33.66 5.93
C HIS C 76 10.38 34.42 5.43
N GLY C 77 10.51 34.97 4.23
CA GLY C 77 9.41 35.70 3.56
C GLY C 77 9.92 36.91 2.84
N LEU C 78 9.01 37.77 2.38
CA LEU C 78 9.36 38.98 1.61
C LEU C 78 10.24 39.91 2.46
N SER C 79 10.05 39.84 3.77
CA SER C 79 10.89 40.59 4.72
C SER C 79 11.53 39.65 5.73
N PRO C 80 12.70 39.07 5.40
CA PRO C 80 13.37 38.16 6.35
C PRO C 80 13.73 38.82 7.68
N SER C 81 13.79 38.00 8.72
CA SER C 81 14.14 38.47 10.07
C SER C 81 14.87 37.42 10.87
N GLU C 82 15.66 37.89 11.84
CA GLU C 82 16.37 37.01 12.78
C GLU C 82 15.41 36.39 13.78
N VAL C 83 15.59 35.10 14.07
CA VAL C 83 14.67 34.37 14.95
C VAL C 83 15.53 33.42 15.76
N PRO C 84 15.03 32.92 16.90
CA PRO C 84 15.74 31.90 17.65
C PRO C 84 15.97 30.65 16.82
N ASP C 85 17.05 29.94 17.13
CA ASP C 85 17.42 28.69 16.44
C ASP C 85 16.29 27.67 16.41
N PHE C 86 16.13 27.04 15.25
CA PHE C 86 15.15 25.99 15.02
C PHE C 86 15.74 25.09 13.96
N GLY C 87 15.08 23.96 13.76
CA GLY C 87 15.45 22.97 12.74
C GLY C 87 14.28 22.38 12.00
N TYR C 88 14.49 21.22 11.40
CA TYR C 88 13.44 20.64 10.55
C TYR C 88 12.26 20.13 11.38
N GLN C 89 12.49 19.78 12.65
CA GLN C 89 11.41 19.28 13.53
C GLN C 89 10.38 20.38 13.74
N GLU C 90 10.89 21.58 13.91
CA GLU C 90 10.06 22.77 14.14
C GLU C 90 9.34 23.15 12.85
N GLN C 91 10.05 23.06 11.72
CA GLN C 91 9.39 23.28 10.41
C GLN C 91 8.17 22.37 10.27
N VAL C 92 8.33 21.11 10.63
CA VAL C 92 7.21 20.12 10.62
C VAL C 92 6.02 20.61 11.44
N LYS C 93 6.30 21.01 12.67
CA LYS C 93 5.25 21.48 13.62
C LYS C 93 4.56 22.72 13.06
N ASP C 94 5.34 23.61 12.46
CA ASP C 94 4.78 24.85 11.88
C ASP C 94 3.86 24.51 10.72
N ALA C 95 4.31 23.62 9.84
CA ALA C 95 3.53 23.19 8.69
C ALA C 95 2.20 22.60 9.13
N LEU C 96 2.24 21.70 10.09
CA LEU C 96 1.04 20.97 10.54
C LEU C 96 0.07 21.94 11.23
N GLU C 97 0.59 22.97 11.90
CA GLU C 97 -0.28 23.94 12.61
C GLU C 97 -1.00 24.77 11.56
N ILE C 98 -0.28 25.16 10.52
CA ILE C 98 -0.92 25.90 9.41
C ILE C 98 -2.03 25.05 8.80
N LEU C 99 -1.77 23.77 8.54
CA LEU C 99 -2.79 22.89 7.92
C LEU C 99 -4.00 22.76 8.85
N ASP C 100 -3.73 22.65 10.16
CA ASP C 100 -4.80 22.56 11.19
C ASP C 100 -5.66 23.81 11.19
N GLN C 101 -5.05 24.98 11.15
CA GLN C 101 -5.81 26.26 11.11
C GLN C 101 -6.67 26.36 9.86
N LEU C 102 -6.17 25.82 8.75
CA LEU C 102 -6.86 25.94 7.45
C LEU C 102 -7.89 24.82 7.29
N GLY C 103 -7.89 23.83 8.17
CA GLY C 103 -8.84 22.70 8.11
C GLY C 103 -8.52 21.69 7.06
N VAL C 104 -7.27 21.62 6.65
CA VAL C 104 -6.83 20.68 5.59
C VAL C 104 -6.54 19.33 6.23
N GLU C 105 -7.20 18.28 5.73
CA GLU C 105 -6.98 16.90 6.22
C GLU C 105 -5.91 16.23 5.37
N THR C 106 -6.26 15.81 4.15
CA THR C 106 -5.34 15.08 3.24
C THR C 106 -4.49 16.07 2.45
N PHE C 107 -3.20 15.77 2.33
CA PHE C 107 -2.29 16.61 1.53
C PHE C 107 -1.20 15.76 0.88
N LEU C 108 -0.69 16.28 -0.24
CA LEU C 108 0.49 15.75 -0.96
C LEU C 108 1.62 16.75 -0.78
N PRO C 109 2.61 16.47 0.09
CA PRO C 109 3.75 17.37 0.25
C PRO C 109 4.73 17.18 -0.90
N VAL C 110 5.30 18.30 -1.31
CA VAL C 110 6.25 18.41 -2.44
C VAL C 110 7.39 19.29 -1.94
N SER C 111 8.60 18.80 -1.88
CA SER C 111 9.74 19.61 -1.36
C SER C 111 10.75 19.99 -2.43
N HIS C 112 11.49 21.07 -2.15
CA HIS C 112 12.68 21.47 -2.93
C HIS C 112 13.92 21.28 -2.08
N SER C 113 14.85 20.49 -2.61
CA SER C 113 16.16 20.24 -1.99
C SER C 113 15.99 19.93 -0.49
N HIS C 114 16.64 20.67 0.38
CA HIS C 114 16.66 20.32 1.82
C HIS C 114 15.36 20.63 2.54
N GLY C 115 14.33 21.10 1.83
CA GLY C 115 12.96 21.00 2.37
C GLY C 115 12.57 19.56 2.55
N GLY C 116 13.28 18.67 1.86
CA GLY C 116 13.08 17.23 2.02
C GLY C 116 13.18 16.69 3.45
N TRP C 117 14.01 17.27 4.31
CA TRP C 117 14.11 16.84 5.73
C TRP C 117 12.75 17.05 6.37
N VAL C 118 12.14 18.17 6.04
CA VAL C 118 10.77 18.47 6.54
C VAL C 118 9.75 17.48 5.95
N LEU C 119 9.83 17.24 4.63
CA LEU C 119 8.84 16.37 3.97
C LEU C 119 8.90 14.98 4.58
N VAL C 120 10.09 14.41 4.76
CA VAL C 120 10.17 13.00 5.22
C VAL C 120 9.68 12.88 6.66
N GLU C 121 10.02 13.87 7.47
CA GLU C 121 9.58 13.91 8.89
C GLU C 121 8.08 14.13 8.95
N LEU C 122 7.58 14.94 8.02
CA LEU C 122 6.13 15.19 7.96
C LEU C 122 5.38 13.89 7.62
N LEU C 123 5.92 13.06 6.72
CA LEU C 123 5.28 11.79 6.35
C LEU C 123 5.21 10.92 7.62
N GLU C 124 6.30 10.87 8.36
CA GLU C 124 6.34 10.10 9.63
C GLU C 124 5.27 10.61 10.59
N GLN C 125 5.28 11.90 10.90
CA GLN C 125 4.43 12.45 11.99
C GLN C 125 2.95 12.50 11.60
N ALA C 126 2.65 12.87 10.36
CA ALA C 126 1.25 13.02 9.90
C ALA C 126 0.62 11.65 9.61
N GLY C 127 1.43 10.66 9.26
CA GLY C 127 0.94 9.32 8.92
C GLY C 127 0.40 9.20 7.51
N PRO C 128 0.22 7.93 7.06
CA PRO C 128 -0.13 7.64 5.67
C PRO C 128 -1.58 7.91 5.28
N GLU C 129 -2.43 8.20 6.26
CA GLU C 129 -3.84 8.55 5.98
C GLU C 129 -3.89 9.99 5.53
N ARG C 130 -3.26 10.86 6.30
CA ARG C 130 -3.19 12.30 5.99
C ARG C 130 -2.21 12.59 4.84
N ALA C 131 -1.06 11.93 4.85
CA ALA C 131 0.02 12.15 3.86
C ALA C 131 0.37 10.83 3.17
N PRO C 132 -0.46 10.41 2.20
CA PRO C 132 -0.30 9.08 1.62
C PRO C 132 0.92 8.90 0.71
N ARG C 133 1.38 10.02 0.14
CA ARG C 133 2.51 10.04 -0.84
C ARG C 133 3.33 11.32 -0.68
N GLY C 134 4.49 11.36 -1.32
CA GLY C 134 5.35 12.56 -1.31
C GLY C 134 6.20 12.69 -2.56
N ILE C 135 6.48 13.92 -2.96
CA ILE C 135 7.39 14.18 -4.09
C ILE C 135 8.53 15.03 -3.58
N ILE C 136 9.74 14.55 -3.81
CA ILE C 136 10.97 15.28 -3.44
C ILE C 136 11.63 15.74 -4.73
N MET C 137 11.94 17.03 -4.79
CA MET C 137 12.62 17.61 -5.96
C MET C 137 14.08 17.87 -5.61
N ASP C 138 14.95 17.51 -6.55
CA ASP C 138 16.40 17.84 -6.56
C ASP C 138 16.98 17.92 -5.15
N TRP C 139 17.18 16.75 -4.58
CA TRP C 139 17.64 16.63 -3.18
C TRP C 139 18.80 15.65 -3.14
N LEU C 140 19.99 16.11 -2.76
CA LEU C 140 21.21 15.27 -2.75
C LEU C 140 21.00 14.03 -1.91
N MET C 141 20.99 12.88 -2.56
CA MET C 141 20.56 11.60 -1.97
C MET C 141 21.69 10.97 -1.19
N TRP C 142 22.92 11.25 -1.63
CA TRP C 142 24.14 10.72 -0.98
C TRP C 142 24.62 11.66 0.10
N ALA C 143 25.48 11.13 0.96
CA ALA C 143 26.18 11.91 2.00
C ALA C 143 27.06 12.97 1.36
N PRO C 144 27.32 14.08 2.08
CA PRO C 144 28.11 15.17 1.52
C PRO C 144 29.46 14.76 0.93
N LYS C 145 29.62 15.07 -0.35
CA LYS C 145 30.92 15.04 -1.05
C LYS C 145 31.80 16.17 -0.52
N PRO C 146 33.11 16.10 -0.78
CA PRO C 146 34.02 17.13 -0.29
C PRO C 146 33.61 18.57 -0.59
N ASP C 147 33.15 18.83 -1.80
CA ASP C 147 32.77 20.20 -2.22
C ASP C 147 31.56 20.70 -1.43
N PHE C 148 30.53 19.89 -1.35
CA PHE C 148 29.31 20.22 -0.58
C PHE C 148 29.65 20.39 0.91
N ALA C 149 30.42 19.46 1.47
CA ALA C 149 30.87 19.56 2.87
C ALA C 149 31.59 20.89 3.13
N LYS C 150 32.37 21.33 2.15
CA LYS C 150 33.13 22.59 2.22
C LYS C 150 32.16 23.76 2.21
N SER C 151 31.15 23.67 1.36
CA SER C 151 30.12 24.73 1.27
C SER C 151 29.38 24.91 2.60
N LEU C 152 29.03 23.81 3.26
CA LEU C 152 28.33 23.86 4.56
C LEU C 152 29.22 24.58 5.58
N THR C 153 30.50 24.25 5.59
CA THR C 153 31.45 24.86 6.55
C THR C 153 31.53 26.37 6.32
N LEU C 154 31.54 26.80 5.07
CA LEU C 154 31.61 28.25 4.74
C LEU C 154 30.33 28.97 5.19
N LEU C 155 29.19 28.35 4.95
CA LEU C 155 27.88 28.92 5.38
C LEU C 155 27.83 29.16 6.89
N LYS C 156 28.48 28.28 7.67
CA LYS C 156 28.50 28.36 9.14
C LYS C 156 29.43 29.47 9.67
N ASP C 157 30.31 29.96 8.80
CA ASP C 157 31.42 30.88 9.16
C ASP C 157 30.94 32.31 8.98
N PRO C 158 30.92 33.09 10.08
CA PRO C 158 30.46 34.46 9.97
C PRO C 158 31.25 35.33 9.00
N GLU C 159 32.49 34.93 8.76
CA GLU C 159 33.45 35.60 7.86
C GLU C 159 33.34 35.17 6.39
N ARG C 160 32.71 34.03 6.12
CA ARG C 160 32.81 33.41 4.78
C ARG C 160 31.48 32.91 4.24
N TRP C 161 30.37 33.24 4.90
CA TRP C 161 29.05 32.68 4.51
C TRP C 161 28.70 33.12 3.11
N ARG C 162 28.96 34.38 2.78
CA ARG C 162 28.57 34.90 1.45
C ARG C 162 29.37 34.20 0.34
N GLU C 163 30.66 33.99 0.58
CA GLU C 163 31.51 33.13 -0.28
C GLU C 163 30.86 31.75 -0.46
N GLY C 164 30.39 31.18 0.64
CA GLY C 164 29.64 29.90 0.61
C GLY C 164 28.46 29.93 -0.32
N THR C 165 27.61 30.95 -0.20
CA THR C 165 26.44 31.08 -1.09
C THR C 165 26.86 31.18 -2.56
N HIS C 166 27.90 31.96 -2.85
CA HIS C 166 28.37 32.14 -4.24
C HIS C 166 28.82 30.81 -4.84
N GLY C 167 29.50 30.01 -4.04
CA GLY C 167 29.93 28.69 -4.48
C GLY C 167 28.77 27.80 -4.80
N LEU C 168 27.73 27.89 -3.99
CA LEU C 168 26.53 27.06 -4.22
C LEU C 168 25.83 27.54 -5.48
N PHE C 169 25.78 28.85 -5.67
CA PHE C 169 25.11 29.41 -6.85
C PHE C 169 25.79 28.89 -8.12
N ASP C 170 27.12 28.82 -8.11
CA ASP C 170 27.90 28.32 -9.27
C ASP C 170 27.44 26.91 -9.59
N VAL C 171 27.31 26.10 -8.55
CA VAL C 171 26.95 24.67 -8.71
C VAL C 171 25.53 24.57 -9.24
N TRP C 172 24.63 25.32 -8.63
CA TRP C 172 23.19 25.20 -8.94
C TRP C 172 22.89 25.65 -10.37
N LEU C 173 23.61 26.65 -10.82
CA LEU C 173 23.41 27.20 -12.17
C LEU C 173 24.06 26.32 -13.22
N ASP C 174 25.14 25.62 -12.84
CA ASP C 174 25.80 24.60 -13.68
C ASP C 174 26.19 25.14 -15.06
N GLY C 175 26.62 26.40 -15.07
CA GLY C 175 27.17 27.04 -16.26
C GLY C 175 26.14 27.57 -17.22
N HIS C 176 24.90 27.68 -16.76
CA HIS C 176 23.77 28.14 -17.59
C HIS C 176 23.41 29.58 -17.27
N ASP C 177 23.11 30.32 -18.34
CA ASP C 177 22.60 31.69 -18.24
C ASP C 177 21.08 31.62 -18.19
N GLU C 178 20.59 31.04 -17.11
CA GLU C 178 19.15 30.81 -16.90
C GLU C 178 18.54 32.01 -16.16
N LYS C 179 17.89 32.87 -16.93
CA LYS C 179 17.34 34.16 -16.49
C LYS C 179 16.57 34.06 -15.17
N ARG C 180 15.60 33.15 -15.18
CA ARG C 180 14.65 32.99 -14.06
C ARG C 180 15.33 32.50 -12.80
N VAL C 181 16.22 31.53 -12.95
CA VAL C 181 16.98 31.00 -11.80
C VAL C 181 17.93 32.05 -11.26
N ARG C 182 18.64 32.74 -12.14
CA ARG C 182 19.52 33.85 -11.74
C ARG C 182 18.75 34.91 -10.96
N HIS C 183 17.57 35.29 -11.45
CA HIS C 183 16.71 36.26 -10.73
C HIS C 183 16.38 35.76 -9.33
N HIS C 184 16.07 34.49 -9.23
CA HIS C 184 15.74 33.94 -7.89
C HIS C 184 16.92 34.05 -6.92
N LEU C 185 18.08 33.59 -7.37
CA LEU C 185 19.27 33.54 -6.49
C LEU C 185 19.81 34.91 -6.15
N LEU C 186 19.90 35.78 -7.17
CA LEU C 186 20.57 37.08 -7.05
C LEU C 186 19.66 38.19 -6.57
N GLU C 187 18.34 38.06 -6.75
CA GLU C 187 17.38 39.08 -6.28
C GLU C 187 16.55 38.50 -5.13
N GLU C 188 15.89 37.38 -5.36
CA GLU C 188 14.86 36.90 -4.42
C GLU C 188 15.46 36.30 -3.16
N MET C 189 16.73 35.91 -3.21
CA MET C 189 17.43 35.47 -1.99
C MET C 189 18.33 36.57 -1.42
N ALA C 190 18.36 37.75 -2.05
CA ALA C 190 19.38 38.79 -1.73
C ALA C 190 19.30 39.27 -0.28
N ASP C 191 18.11 39.23 0.32
CA ASP C 191 17.82 39.84 1.65
C ASP C 191 18.18 38.92 2.80
N TYR C 192 18.47 37.66 2.48
CA TYR C 192 18.76 36.63 3.49
C TYR C 192 20.23 36.75 3.89
N GLY C 193 20.48 36.57 5.18
CA GLY C 193 21.81 36.81 5.77
C GLY C 193 22.37 35.60 6.46
N TYR C 194 23.38 35.87 7.27
CA TYR C 194 24.08 34.82 8.04
C TYR C 194 23.13 34.11 9.00
N ASP C 195 22.18 34.84 9.57
CA ASP C 195 21.19 34.23 10.50
C ASP C 195 20.54 33.01 9.83
N CYS C 196 20.16 33.16 8.56
CA CYS C 196 19.56 32.03 7.81
C CYS C 196 20.63 31.07 7.31
N TRP C 197 21.63 31.57 6.61
CA TRP C 197 22.60 30.68 5.93
C TRP C 197 23.38 29.86 6.95
N GLY C 198 23.84 30.48 8.04
CA GLY C 198 24.54 29.73 9.07
C GLY C 198 23.67 28.66 9.69
N ARG C 199 22.42 29.00 9.95
CA ARG C 199 21.43 28.04 10.48
C ARG C 199 21.26 26.86 9.53
N SER C 200 21.13 27.16 8.25
CA SER C 200 20.96 26.14 7.20
C SER C 200 22.16 25.20 7.22
N GLY C 201 23.36 25.75 7.35
CA GLY C 201 24.59 24.93 7.46
C GLY C 201 24.58 24.02 8.68
N ARG C 202 24.19 24.56 9.82
CA ARG C 202 24.12 23.73 11.05
C ARG C 202 23.05 22.65 10.91
N VAL C 203 21.87 23.02 10.45
CA VAL C 203 20.72 22.08 10.37
C VAL C 203 21.00 20.92 9.39
N ILE C 204 21.45 21.27 8.19
CA ILE C 204 21.74 20.29 7.11
C ILE C 204 22.90 19.40 7.51
N GLU C 205 23.96 20.00 8.03
CA GLU C 205 25.12 19.19 8.50
C GLU C 205 24.68 18.16 9.53
N ASP C 206 23.89 18.58 10.49
CA ASP C 206 23.37 17.70 11.55
C ASP C 206 22.40 16.64 10.99
N ALA C 207 21.52 17.06 10.07
CA ALA C 207 20.54 16.13 9.46
C ALA C 207 21.25 14.96 8.80
N TYR C 208 22.25 15.25 7.99
CA TYR C 208 23.08 14.17 7.40
C TYR C 208 23.76 13.37 8.51
N GLY C 209 24.32 14.05 9.50
CA GLY C 209 25.06 13.34 10.56
C GLY C 209 24.20 12.37 11.33
N ARG C 210 23.01 12.81 11.68
CA ARG C 210 22.11 12.05 12.56
C ARG C 210 21.28 11.03 11.78
N ASN C 211 20.81 11.39 10.60
CA ASN C 211 19.92 10.51 9.81
C ASN C 211 20.70 9.70 8.76
N GLY C 212 21.99 9.98 8.62
CA GLY C 212 22.86 9.37 7.62
C GLY C 212 22.69 9.96 6.24
N SER C 213 21.51 9.84 5.68
CA SER C 213 21.23 10.34 4.32
C SER C 213 19.73 10.39 4.09
N PRO C 214 19.27 11.19 3.12
CA PRO C 214 17.86 11.15 2.73
C PRO C 214 17.31 9.73 2.50
N MET C 215 18.12 8.88 1.87
CA MET C 215 17.69 7.50 1.52
C MET C 215 17.53 6.65 2.78
N GLN C 216 18.50 6.73 3.66
CA GLN C 216 18.38 6.08 4.98
C GLN C 216 17.14 6.54 5.73
N MET C 217 16.94 7.84 5.82
CA MET C 217 15.76 8.41 6.54
C MET C 217 14.46 7.89 5.95
N MET C 218 14.35 7.92 4.63
CA MET C 218 13.15 7.44 3.95
C MET C 218 12.92 5.96 4.21
N ALA C 219 13.98 5.17 4.13
CA ALA C 219 13.88 3.71 4.35
C ALA C 219 13.47 3.38 5.79
N ASN C 220 13.78 4.27 6.72
CA ASN C 220 13.49 4.08 8.16
C ASN C 220 12.09 4.55 8.55
N LEU C 221 11.29 5.11 7.63
CA LEU C 221 9.89 5.47 7.93
C LEU C 221 9.16 4.26 8.52
N THR C 222 8.36 4.51 9.54
CA THR C 222 7.52 3.48 10.20
C THR C 222 6.56 2.89 9.17
N LYS C 223 5.94 3.75 8.38
CA LYS C 223 5.02 3.33 7.31
C LYS C 223 5.55 3.86 6.01
N THR C 224 6.28 3.03 5.29
CA THR C 224 6.76 3.41 3.93
C THR C 224 5.57 3.59 3.00
N ARG C 225 5.74 4.44 2.00
CA ARG C 225 4.63 4.79 1.09
C ARG C 225 5.25 5.39 -0.16
N PRO C 226 4.47 5.56 -1.24
CA PRO C 226 5.05 6.10 -2.49
C PRO C 226 5.70 7.48 -2.37
N ILE C 227 6.97 7.51 -2.74
CA ILE C 227 7.79 8.75 -2.80
C ILE C 227 8.49 8.71 -4.15
N ARG C 228 8.45 9.82 -4.87
CA ARG C 228 9.21 9.96 -6.15
C ARG C 228 10.23 11.08 -6.02
N HIS C 229 11.46 10.81 -6.44
CA HIS C 229 12.49 11.84 -6.54
C HIS C 229 12.57 12.31 -7.97
N ILE C 230 12.22 13.56 -8.21
CA ILE C 230 12.36 14.16 -9.54
C ILE C 230 13.47 15.20 -9.48
N PHE C 231 14.43 15.08 -10.39
CA PHE C 231 15.66 15.89 -10.31
C PHE C 231 16.25 16.15 -11.68
N SER C 232 16.93 17.28 -11.78
CA SER C 232 17.75 17.65 -12.95
C SER C 232 19.27 17.48 -12.66
N GLN C 233 19.70 17.68 -11.41
CA GLN C 233 21.15 17.69 -11.07
C GLN C 233 21.33 16.87 -9.79
N PRO C 234 22.55 16.31 -9.54
CA PRO C 234 23.68 16.28 -10.48
C PRO C 234 23.36 15.44 -11.73
N THR C 235 24.19 15.61 -12.74
CA THR C 235 23.93 15.12 -14.11
C THR C 235 24.62 13.77 -14.36
N GLU C 236 25.55 13.40 -13.48
CA GLU C 236 26.49 12.28 -13.69
C GLU C 236 25.80 10.93 -13.61
N PRO C 237 26.21 9.95 -14.44
CA PRO C 237 25.71 8.59 -14.34
C PRO C 237 25.73 7.94 -12.96
N GLU C 238 26.76 8.21 -12.18
CA GLU C 238 26.90 7.60 -10.83
C GLU C 238 25.73 8.00 -9.92
N TYR C 239 25.22 9.23 -10.10
CA TYR C 239 24.04 9.69 -9.32
C TYR C 239 22.77 8.99 -9.75
N GLU C 240 22.56 8.90 -11.05
CA GLU C 240 21.41 8.18 -11.64
C GLU C 240 21.41 6.77 -11.06
N LYS C 241 22.58 6.15 -10.98
CA LYS C 241 22.72 4.76 -10.52
C LYS C 241 22.23 4.60 -9.08
N ILE C 242 22.60 5.51 -8.18
CA ILE C 242 22.14 5.36 -6.77
C ILE C 242 20.62 5.46 -6.71
N ASN C 243 20.03 6.31 -7.54
CA ASN C 243 18.55 6.40 -7.57
C ASN C 243 17.95 5.09 -8.14
N SER C 244 18.57 4.56 -9.20
CA SER C 244 18.10 3.32 -9.86
C SER C 244 18.25 2.14 -8.88
N ASP C 245 19.39 2.04 -8.19
CA ASP C 245 19.63 0.95 -7.20
C ASP C 245 18.61 1.02 -6.07
N PHE C 246 18.39 2.20 -5.51
CA PHE C 246 17.35 2.40 -4.46
C PHE C 246 15.97 1.98 -4.97
N ALA C 247 15.59 2.39 -6.17
CA ALA C 247 14.27 2.08 -6.77
C ALA C 247 14.10 0.57 -7.00
N GLU C 248 15.18 -0.12 -7.31
CA GLU C 248 15.16 -1.61 -7.45
C GLU C 248 14.86 -2.27 -6.12
N GLN C 249 15.42 -1.71 -5.06
CA GLN C 249 15.33 -2.30 -3.72
C GLN C 249 13.98 -2.03 -3.06
N HIS C 250 13.36 -0.89 -3.37
CA HIS C 250 12.17 -0.42 -2.65
C HIS C 250 11.01 -0.18 -3.60
N PRO C 251 9.96 -1.02 -3.54
CA PRO C 251 8.83 -0.81 -4.44
C PRO C 251 8.20 0.58 -4.39
N TRP C 252 8.17 1.18 -3.19
CA TRP C 252 7.57 2.50 -2.94
C TRP C 252 8.41 3.66 -3.48
N PHE C 253 9.65 3.41 -3.90
CA PHE C 253 10.51 4.51 -4.41
C PHE C 253 10.60 4.51 -5.93
N SER C 254 10.45 5.68 -6.52
CA SER C 254 10.61 5.87 -7.97
C SER C 254 11.35 7.18 -8.16
N TYR C 255 11.84 7.41 -9.37
CA TYR C 255 12.51 8.66 -9.71
C TYR C 255 12.23 9.02 -11.16
N ALA C 256 12.51 10.27 -11.49
CA ALA C 256 12.54 10.73 -12.89
C ALA C 256 13.65 11.77 -13.02
N LYS C 257 14.54 11.55 -13.97
CA LYS C 257 15.47 12.62 -14.40
C LYS C 257 14.75 13.55 -15.37
N LEU C 258 14.71 14.84 -15.01
CA LEU C 258 13.88 15.84 -15.70
C LEU C 258 14.63 16.53 -16.84
N GLY C 259 15.95 16.53 -16.81
CA GLY C 259 16.79 17.11 -17.87
C GLY C 259 16.79 18.63 -17.90
N GLY C 260 16.30 19.25 -16.83
CA GLY C 260 16.35 20.70 -16.68
C GLY C 260 17.78 21.20 -16.53
N PRO C 261 18.04 22.48 -16.85
CA PRO C 261 19.39 23.02 -16.75
C PRO C 261 19.97 23.19 -15.33
N THR C 262 19.12 23.56 -14.37
CA THR C 262 19.62 23.99 -13.05
C THR C 262 19.08 23.09 -11.92
N HIS C 263 19.46 23.47 -10.70
CA HIS C 263 19.02 22.81 -9.45
C HIS C 263 17.60 23.19 -9.06
N PHE C 264 16.94 24.01 -9.88
CA PHE C 264 15.62 24.56 -9.56
C PHE C 264 14.61 24.20 -10.64
N PRO C 265 14.21 22.92 -10.74
CA PRO C 265 13.18 22.51 -11.70
C PRO C 265 11.82 23.20 -11.53
N ALA C 266 11.51 23.59 -10.30
CA ALA C 266 10.28 24.33 -9.96
C ALA C 266 10.23 25.61 -10.76
N ILE C 267 11.38 26.12 -11.14
CA ILE C 267 11.50 27.40 -11.89
C ILE C 267 11.72 27.14 -13.38
N ASP C 268 12.64 26.24 -13.73
CA ASP C 268 13.07 26.07 -15.15
C ASP C 268 12.30 25.03 -15.95
N VAL C 269 11.68 24.06 -15.29
CA VAL C 269 10.79 23.08 -15.97
C VAL C 269 9.52 22.87 -15.15
N PRO C 270 8.80 23.96 -14.84
CA PRO C 270 7.62 23.85 -13.98
C PRO C 270 6.52 22.93 -14.53
N ASP C 271 6.38 22.91 -15.85
CA ASP C 271 5.40 22.03 -16.55
C ASP C 271 5.69 20.57 -16.23
N ARG C 272 6.97 20.24 -16.22
CA ARG C 272 7.43 18.87 -15.96
C ARG C 272 7.22 18.52 -14.50
N ALA C 273 7.64 19.39 -13.58
CA ALA C 273 7.34 19.21 -12.16
C ALA C 273 5.85 18.95 -11.96
N ALA C 274 5.02 19.77 -12.59
CA ALA C 274 3.57 19.69 -12.37
C ALA C 274 2.97 18.36 -12.84
N VAL C 275 3.45 17.78 -13.93
CA VAL C 275 2.84 16.51 -14.43
C VAL C 275 3.10 15.42 -13.41
N HIS C 276 4.24 15.45 -12.72
CA HIS C 276 4.54 14.39 -11.73
C HIS C 276 3.68 14.56 -10.49
N ILE C 277 3.49 15.80 -10.10
CA ILE C 277 2.63 16.14 -8.93
C ILE C 277 1.19 15.75 -9.23
N ARG C 278 0.72 16.10 -10.42
CA ARG C 278 -0.67 15.73 -10.87
C ARG C 278 -0.87 14.22 -10.88
N GLU C 279 0.11 13.48 -11.34
CA GLU C 279 0.03 12.01 -11.38
C GLU C 279 -0.16 11.47 -9.97
N PHE C 280 0.62 11.99 -9.05
CA PHE C 280 0.53 11.51 -7.65
C PHE C 280 -0.81 11.93 -7.04
N ALA C 281 -1.28 13.13 -7.36
CA ALA C 281 -2.57 13.64 -6.78
C ALA C 281 -3.76 12.81 -7.29
N THR C 282 -3.72 12.48 -8.58
CA THR C 282 -4.72 11.60 -9.22
C THR C 282 -4.74 10.22 -8.56
N ALA C 283 -3.56 9.65 -8.35
CA ALA C 283 -3.43 8.33 -7.70
C ALA C 283 -4.10 8.35 -6.33
N ILE C 284 -3.85 9.40 -5.56
CA ILE C 284 -4.44 9.57 -4.20
C ILE C 284 -5.96 9.65 -4.32
N ARG C 285 -6.46 10.49 -5.22
CA ARG C 285 -7.91 10.67 -5.45
C ARG C 285 -8.58 9.31 -5.73
N GLN C 286 -7.93 8.44 -6.51
CA GLN C 286 -8.41 7.07 -6.83
C GLN C 286 -7.96 6.09 -5.73
N GLY C 287 -8.56 6.19 -4.55
CA GLY C 287 -8.27 5.33 -3.38
C GLY C 287 -6.97 5.75 -2.70
N THR D 14 14.12 -3.47 44.55
CA THR D 14 13.13 -3.09 43.49
C THR D 14 13.52 -3.76 42.16
N ASP D 15 12.77 -3.49 41.09
CA ASP D 15 12.88 -4.14 39.74
C ASP D 15 12.22 -5.52 39.77
N THR D 16 11.73 -5.95 40.95
CA THR D 16 10.89 -7.17 41.15
C THR D 16 9.58 -7.01 40.38
N TYR D 17 9.07 -5.77 40.32
CA TYR D 17 7.75 -5.40 39.75
C TYR D 17 7.88 -4.87 38.33
N LEU D 18 9.03 -5.06 37.71
CA LEU D 18 9.30 -4.50 36.36
C LEU D 18 8.85 -5.48 35.28
N HIS D 19 8.09 -4.96 34.33
CA HIS D 19 7.49 -5.75 33.24
C HIS D 19 7.79 -5.05 31.94
N GLU D 20 7.42 -5.71 30.86
CA GLU D 20 7.58 -5.15 29.50
C GLU D 20 6.47 -5.70 28.63
N THR D 21 5.89 -4.84 27.80
CA THR D 21 4.78 -5.24 26.92
C THR D 21 4.86 -4.45 25.63
N LEU D 22 4.23 -4.99 24.58
CA LEU D 22 4.11 -4.29 23.29
C LEU D 22 2.94 -3.31 23.37
N VAL D 23 3.24 -2.03 23.16
CA VAL D 23 2.23 -0.95 23.18
C VAL D 23 2.23 -0.40 21.76
N PHE D 24 1.22 -0.79 20.98
CA PHE D 24 1.09 -0.47 19.53
C PHE D 24 2.32 -1.05 18.80
N ASP D 25 3.33 -0.21 18.53
CA ASP D 25 4.51 -0.54 17.68
C ASP D 25 5.77 -0.68 18.53
N ASN D 26 5.72 -0.25 19.80
CA ASN D 26 6.93 -0.09 20.64
C ASN D 26 6.82 -0.93 21.91
N LYS D 27 7.92 -1.57 22.28
CA LYS D 27 8.00 -2.31 23.54
C LYS D 27 8.27 -1.32 24.66
N LEU D 28 7.36 -1.22 25.62
CA LEU D 28 7.53 -0.31 26.76
C LEU D 28 7.68 -1.11 28.04
N SER D 29 8.58 -0.68 28.90
CA SER D 29 8.69 -1.25 30.26
C SER D 29 7.78 -0.45 31.19
N TYR D 30 7.36 -1.10 32.25
CA TYR D 30 6.48 -0.49 33.25
C TYR D 30 6.60 -1.21 34.58
N ILE D 31 6.44 -0.47 35.66
CA ILE D 31 6.27 -1.07 36.98
C ILE D 31 4.80 -1.43 37.18
N ASP D 32 4.53 -2.58 37.77
CA ASP D 32 3.19 -2.94 38.28
C ASP D 32 3.35 -3.90 39.44
N ASN D 33 2.99 -3.46 40.65
CA ASN D 33 3.21 -4.29 41.85
C ASN D 33 2.15 -5.37 41.97
N GLN D 34 1.10 -5.25 41.16
CA GLN D 34 0.03 -6.28 41.03
C GLN D 34 -0.55 -6.59 42.41
N ARG D 35 -0.74 -5.56 43.24
CA ARG D 35 -1.28 -5.69 44.61
C ARG D 35 -2.77 -5.99 44.51
N ASP D 36 -3.24 -7.01 45.23
CA ASP D 36 -4.67 -7.43 45.26
C ASP D 36 -5.38 -6.60 46.34
N THR D 37 -5.91 -5.44 45.97
CA THR D 37 -6.53 -4.45 46.89
C THR D 37 -7.58 -3.60 46.15
N ASP D 38 -8.37 -2.85 46.92
CA ASP D 38 -9.42 -1.91 46.41
C ASP D 38 -8.73 -0.76 45.67
N GLY D 39 -9.35 -0.27 44.60
CA GLY D 39 -8.87 0.89 43.83
C GLY D 39 -9.01 2.19 44.62
N PRO D 40 -8.55 3.34 44.06
CA PRO D 40 -7.98 3.38 42.71
C PRO D 40 -6.53 2.91 42.65
N ALA D 41 -6.09 2.51 41.45
CA ALA D 41 -4.66 2.29 41.20
C ALA D 41 -3.96 3.65 41.26
N ILE D 42 -2.74 3.67 41.77
CA ILE D 42 -1.86 4.87 41.74
C ILE D 42 -1.02 4.78 40.46
N LEU D 43 -1.19 5.73 39.54
CA LEU D 43 -0.43 5.80 38.27
C LEU D 43 0.63 6.89 38.41
N LEU D 44 1.88 6.49 38.66
CA LEU D 44 3.01 7.43 38.80
C LEU D 44 3.58 7.70 37.42
N LEU D 45 3.68 8.98 37.05
CA LEU D 45 4.08 9.38 35.70
C LEU D 45 5.44 10.06 35.71
N PRO D 46 6.50 9.47 35.10
CA PRO D 46 7.77 10.16 35.00
C PRO D 46 7.68 11.39 34.11
N GLY D 47 8.58 12.32 34.38
CA GLY D 47 8.88 13.38 33.41
C GLY D 47 9.67 12.86 32.24
N TRP D 48 10.43 13.76 31.60
CA TRP D 48 11.24 13.45 30.40
C TRP D 48 12.63 13.02 30.79
N CYS D 49 13.09 11.97 30.13
CA CYS D 49 14.50 11.53 30.15
C CYS D 49 14.90 11.01 31.52
N HIS D 50 13.91 10.39 32.16
CA HIS D 50 14.17 9.51 33.29
C HIS D 50 13.00 8.55 33.38
N ASP D 51 13.11 7.66 34.33
CA ASP D 51 12.23 6.47 34.35
C ASP D 51 11.79 6.16 35.78
N HIS D 52 11.14 5.02 35.91
CA HIS D 52 10.54 4.53 37.17
C HIS D 52 11.52 4.64 38.33
N ARG D 53 12.82 4.62 38.06
CA ARG D 53 13.82 4.66 39.14
C ARG D 53 13.63 5.90 40.01
N VAL D 54 13.13 7.01 39.44
CA VAL D 54 12.81 8.23 40.23
C VAL D 54 11.86 7.95 41.39
N TYR D 55 11.03 6.91 41.25
CA TYR D 55 9.92 6.62 42.17
C TYR D 55 10.20 5.46 43.10
N LYS D 56 11.42 4.95 43.08
CA LYS D 56 11.69 3.75 43.91
C LYS D 56 11.41 3.99 45.40
N TYR D 57 11.63 5.19 45.92
CA TYR D 57 11.38 5.47 47.36
C TYR D 57 9.89 5.64 47.63
N LEU D 58 9.21 6.29 46.70
CA LEU D 58 7.76 6.54 46.83
C LEU D 58 6.99 5.23 46.68
N ILE D 59 7.41 4.38 45.76
CA ILE D 59 6.80 3.03 45.60
C ILE D 59 6.85 2.31 46.95
N GLN D 60 8.00 2.35 47.61
CA GLN D 60 8.19 1.72 48.94
C GLN D 60 7.19 2.24 49.96
N GLU D 61 6.86 3.53 49.91
CA GLU D 61 5.85 4.10 50.85
C GLU D 61 4.45 3.57 50.57
N LEU D 62 4.12 3.30 49.31
CA LEU D 62 2.72 3.03 48.91
C LEU D 62 2.45 1.55 48.68
N ASP D 63 3.51 0.75 48.58
CA ASP D 63 3.50 -0.60 47.97
C ASP D 63 2.46 -1.53 48.59
N ALA D 64 2.40 -1.58 49.92
CA ALA D 64 1.56 -2.53 50.67
C ALA D 64 0.07 -2.26 50.49
N ASP D 65 -0.28 -0.99 50.37
CA ASP D 65 -1.67 -0.51 50.47
C ASP D 65 -2.33 -0.25 49.11
N PHE D 66 -1.53 -0.08 48.06
CA PHE D 66 -2.04 0.32 46.73
C PHE D 66 -1.48 -0.52 45.59
N ARG D 67 -2.27 -0.68 44.54
CA ARG D 67 -1.70 -1.10 43.26
C ARG D 67 -0.98 0.13 42.72
N VAL D 68 0.26 -0.07 42.31
CA VAL D 68 1.14 1.02 41.83
C VAL D 68 1.66 0.65 40.46
N ILE D 69 1.42 1.54 39.49
CA ILE D 69 1.79 1.36 38.08
C ILE D 69 2.65 2.55 37.70
N VAL D 70 3.75 2.28 37.00
CA VAL D 70 4.67 3.34 36.52
C VAL D 70 5.06 3.04 35.09
N PRO D 71 4.43 3.71 34.10
CA PRO D 71 4.83 3.50 32.72
C PRO D 71 6.13 4.22 32.42
N ASN D 72 6.93 3.58 31.60
CA ASN D 72 8.11 4.24 31.01
C ASN D 72 7.83 4.59 29.55
N TRP D 73 8.23 5.79 29.15
CA TRP D 73 7.91 6.30 27.80
C TRP D 73 8.76 5.61 26.74
N ARG D 74 8.34 5.78 25.49
CA ARG D 74 9.10 5.32 24.31
C ARG D 74 10.56 5.75 24.43
N GLY D 75 11.49 4.80 24.31
CA GLY D 75 12.93 5.10 24.39
C GLY D 75 13.49 5.28 25.79
N HIS D 76 12.61 5.20 26.78
CA HIS D 76 12.99 5.36 28.20
C HIS D 76 13.05 4.00 28.87
N GLY D 77 13.87 3.90 29.90
CA GLY D 77 14.01 2.68 30.71
C GLY D 77 15.43 2.40 31.08
N LEU D 78 15.70 1.21 31.61
CA LEU D 78 17.06 0.82 32.05
C LEU D 78 18.03 0.85 30.87
N SER D 79 17.50 0.60 29.68
CA SER D 79 18.27 0.69 28.43
C SER D 79 17.62 1.67 27.46
N PRO D 80 17.94 2.98 27.56
CA PRO D 80 17.37 3.95 26.62
C PRO D 80 17.69 3.68 25.16
N SER D 81 16.81 4.12 24.28
CA SER D 81 16.98 3.94 22.83
C SER D 81 16.37 5.07 22.04
N GLU D 82 16.90 5.26 20.83
CA GLU D 82 16.35 6.26 19.88
C GLU D 82 15.03 5.77 19.29
N VAL D 83 14.07 6.67 19.17
CA VAL D 83 12.73 6.32 18.68
C VAL D 83 12.26 7.48 17.84
N PRO D 84 11.27 7.26 16.95
CA PRO D 84 10.69 8.37 16.21
C PRO D 84 10.06 9.41 17.14
N ASP D 85 10.04 10.65 16.69
CA ASP D 85 9.48 11.79 17.45
C ASP D 85 8.05 11.51 17.94
N PHE D 86 7.81 11.90 19.18
CA PHE D 86 6.49 11.79 19.82
C PHE D 86 6.42 12.92 20.82
N GLY D 87 5.23 13.11 21.36
CA GLY D 87 4.97 14.13 22.40
C GLY D 87 4.06 13.65 23.50
N TYR D 88 3.45 14.60 24.20
CA TYR D 88 2.64 14.23 25.37
C TYR D 88 1.36 13.51 24.97
N GLN D 89 0.85 13.77 23.76
CA GLN D 89 -0.39 13.12 23.29
C GLN D 89 -0.18 11.62 23.17
N GLU D 90 0.99 11.27 22.69
CA GLU D 90 1.38 9.86 22.50
C GLU D 90 1.64 9.22 23.86
N GLN D 91 2.28 9.94 24.77
CA GLN D 91 2.45 9.46 26.16
C GLN D 91 1.09 9.07 26.76
N VAL D 92 0.10 9.93 26.56
CA VAL D 92 -1.29 9.66 27.01
C VAL D 92 -1.82 8.34 26.47
N LYS D 93 -1.70 8.17 25.16
CA LYS D 93 -2.20 6.95 24.46
C LYS D 93 -1.47 5.73 24.99
N ASP D 94 -0.17 5.85 25.21
CA ASP D 94 0.63 4.72 25.72
C ASP D 94 0.18 4.34 27.13
N ALA D 95 0.00 5.35 27.98
CA ALA D 95 -0.45 5.13 29.36
C ALA D 95 -1.79 4.40 29.38
N LEU D 96 -2.74 4.89 28.59
CA LEU D 96 -4.11 4.34 28.59
C LEU D 96 -4.10 2.89 28.05
N GLU D 97 -3.20 2.60 27.11
CA GLU D 97 -3.14 1.24 26.50
C GLU D 97 -2.60 0.29 27.56
N ILE D 98 -1.60 0.74 28.29
CA ILE D 98 -1.06 -0.09 29.41
C ILE D 98 -2.18 -0.37 30.42
N LEU D 99 -2.95 0.64 30.79
CA LEU D 99 -4.03 0.45 31.78
C LEU D 99 -5.08 -0.52 31.24
N ASP D 100 -5.38 -0.39 29.95
CA ASP D 100 -6.36 -1.28 29.26
C ASP D 100 -5.88 -2.72 29.30
N GLN D 101 -4.60 -2.96 28.98
CA GLN D 101 -4.03 -4.34 29.02
C GLN D 101 -4.08 -4.92 30.42
N LEU D 102 -3.91 -4.08 31.43
CA LEU D 102 -3.83 -4.54 32.83
C LEU D 102 -5.23 -4.65 33.43
N GLY D 103 -6.25 -4.13 32.75
CA GLY D 103 -7.64 -4.17 33.24
C GLY D 103 -7.93 -3.19 34.34
N VAL D 104 -7.15 -2.11 34.39
CA VAL D 104 -7.34 -1.07 35.44
C VAL D 104 -8.41 -0.08 34.96
N GLU D 105 -9.46 0.09 35.76
N GLU D 105 -9.43 0.13 35.79
CA GLU D 105 -10.57 1.03 35.45
CA GLU D 105 -10.62 0.98 35.49
C GLU D 105 -10.25 2.38 36.11
C GLU D 105 -10.41 2.38 36.09
N THR D 106 -10.41 2.50 37.43
CA THR D 106 -10.20 3.77 38.18
C THR D 106 -8.73 3.91 38.55
N PHE D 107 -8.20 5.12 38.36
CA PHE D 107 -6.81 5.42 38.75
C PHE D 107 -6.67 6.86 39.21
N LEU D 108 -5.66 7.07 40.06
CA LEU D 108 -5.19 8.40 40.52
C LEU D 108 -3.83 8.66 39.91
N PRO D 109 -3.73 9.50 38.87
CA PRO D 109 -2.45 9.83 38.28
C PRO D 109 -1.71 10.84 39.14
N VAL D 110 -0.41 10.65 39.21
CA VAL D 110 0.54 11.47 40.01
C VAL D 110 1.71 11.75 39.08
N SER D 111 2.00 13.00 38.77
CA SER D 111 3.12 13.33 37.84
C SER D 111 4.30 14.01 38.53
N HIS D 112 5.47 13.90 37.90
CA HIS D 112 6.68 14.67 38.27
C HIS D 112 6.99 15.66 37.17
N SER D 113 7.05 16.94 37.56
CA SER D 113 7.40 18.04 36.65
C SER D 113 6.65 17.93 35.32
N HIS D 114 7.35 17.87 34.19
CA HIS D 114 6.67 17.94 32.88
C HIS D 114 5.96 16.64 32.49
N GLY D 115 5.96 15.64 33.37
CA GLY D 115 4.97 14.57 33.23
C GLY D 115 3.57 15.12 33.39
N GLY D 116 3.47 16.30 33.99
CA GLY D 116 2.19 17.00 34.12
C GLY D 116 1.43 17.25 32.82
N TRP D 117 2.11 17.44 31.69
CA TRP D 117 1.42 17.61 30.38
C TRP D 117 0.64 16.35 30.10
N VAL D 118 1.24 15.22 30.40
CA VAL D 118 0.57 13.92 30.24
C VAL D 118 -0.60 13.78 31.22
N LEU D 119 -0.37 14.15 32.48
CA LEU D 119 -1.41 13.99 33.52
C LEU D 119 -2.63 14.80 33.14
N VAL D 120 -2.45 16.06 32.75
CA VAL D 120 -3.63 16.94 32.51
C VAL D 120 -4.42 16.44 31.27
N GLU D 121 -3.68 16.02 30.26
CA GLU D 121 -4.30 15.48 29.02
C GLU D 121 -5.00 14.17 29.33
N LEU D 122 -4.38 13.39 30.20
CA LEU D 122 -4.98 12.12 30.63
C LEU D 122 -6.33 12.36 31.34
N LEU D 123 -6.40 13.38 32.18
CA LEU D 123 -7.65 13.72 32.90
C LEU D 123 -8.71 14.04 31.86
N GLU D 124 -8.35 14.84 30.87
CA GLU D 124 -9.29 15.20 29.78
C GLU D 124 -9.77 13.93 29.06
N GLN D 125 -8.85 13.11 28.58
CA GLN D 125 -9.23 11.98 27.67
C GLN D 125 -9.91 10.84 28.42
N ALA D 126 -9.43 10.52 29.62
CA ALA D 126 -9.98 9.40 30.42
C ALA D 126 -11.32 9.77 31.07
N GLY D 127 -11.52 11.06 31.34
CA GLY D 127 -12.74 11.54 32.00
C GLY D 127 -12.75 11.35 33.51
N PRO D 128 -13.69 12.04 34.20
CA PRO D 128 -13.71 12.12 35.65
C PRO D 128 -14.21 10.86 36.37
N GLU D 129 -14.75 9.91 35.61
CA GLU D 129 -15.20 8.62 36.19
C GLU D 129 -13.98 7.76 36.42
N ARG D 130 -13.17 7.62 35.38
CA ARG D 130 -11.92 6.83 35.42
C ARG D 130 -10.82 7.55 36.21
N ALA D 131 -10.70 8.85 36.01
CA ALA D 131 -9.62 9.68 36.62
C ALA D 131 -10.24 10.83 37.40
N PRO D 132 -10.76 10.55 38.61
CA PRO D 132 -11.54 11.56 39.32
C PRO D 132 -10.73 12.73 39.90
N ARG D 133 -9.44 12.49 40.14
CA ARG D 133 -8.51 13.46 40.77
C ARG D 133 -7.11 13.31 40.21
N GLY D 134 -6.23 14.27 40.51
CA GLY D 134 -4.83 14.21 40.09
C GLY D 134 -3.89 14.93 41.03
N ILE D 135 -2.67 14.44 41.14
CA ILE D 135 -1.62 15.14 41.93
C ILE D 135 -0.47 15.46 40.99
N ILE D 136 -0.09 16.72 40.96
CA ILE D 136 1.06 17.20 40.17
C ILE D 136 2.15 17.57 41.15
N MET D 137 3.34 17.05 40.91
CA MET D 137 4.50 17.35 41.77
C MET D 137 5.46 18.27 41.04
N ASP D 138 5.92 19.31 41.73
CA ASP D 138 6.98 20.24 41.29
C ASP D 138 6.96 20.48 39.79
N TRP D 139 5.99 21.27 39.36
CA TRP D 139 5.78 21.57 37.93
C TRP D 139 5.66 23.06 37.74
N LEU D 140 6.59 23.66 37.01
CA LEU D 140 6.62 25.13 36.79
C LEU D 140 5.30 25.61 36.22
N MET D 141 4.59 26.39 37.03
CA MET D 141 3.19 26.76 36.77
C MET D 141 3.12 27.95 35.83
N TRP D 142 4.14 28.78 35.89
CA TRP D 142 4.24 30.00 35.03
C TRP D 142 4.94 29.67 33.73
N ALA D 143 4.76 30.56 32.75
CA ALA D 143 5.46 30.52 31.46
C ALA D 143 6.97 30.64 31.67
N PRO D 144 7.77 30.08 30.75
CA PRO D 144 9.22 30.10 30.90
C PRO D 144 9.82 31.48 31.17
N LYS D 145 10.52 31.57 32.29
CA LYS D 145 11.42 32.69 32.62
C LYS D 145 12.65 32.63 31.72
N PRO D 146 13.40 33.73 31.63
CA PRO D 146 14.59 33.74 30.77
C PRO D 146 15.56 32.56 30.95
N ASP D 147 15.84 32.20 32.20
CA ASP D 147 16.79 31.11 32.50
C ASP D 147 16.28 29.76 31.98
N PHE D 148 15.03 29.45 32.30
CA PHE D 148 14.40 28.20 31.81
C PHE D 148 14.31 28.19 30.30
N ALA D 149 13.87 29.29 29.69
CA ALA D 149 13.82 29.43 28.22
C ALA D 149 15.19 29.14 27.59
N LYS D 150 16.24 29.60 28.26
CA LYS D 150 17.63 29.40 27.80
C LYS D 150 18.00 27.93 27.91
N SER D 151 17.58 27.29 28.99
CA SER D 151 17.84 25.84 29.18
C SER D 151 17.20 25.01 28.07
N LEU D 152 15.97 25.33 27.71
CA LEU D 152 15.26 24.60 26.64
C LEU D 152 16.02 24.73 25.33
N THR D 153 16.49 25.94 25.03
CA THR D 153 17.24 26.19 23.77
C THR D 153 18.53 25.36 23.75
N LEU D 154 19.20 25.25 24.87
CA LEU D 154 20.47 24.45 24.94
C LEU D 154 20.16 22.96 24.74
N LEU D 155 19.10 22.47 25.37
CA LEU D 155 18.69 21.05 25.21
C LEU D 155 18.43 20.69 23.75
N LYS D 156 17.89 21.64 22.98
CA LYS D 156 17.55 21.44 21.55
C LYS D 156 18.79 21.44 20.64
N ASP D 157 19.91 21.92 21.16
CA ASP D 157 21.14 22.18 20.38
C ASP D 157 22.05 20.96 20.45
N PRO D 158 22.32 20.33 19.30
CA PRO D 158 23.16 19.13 19.32
C PRO D 158 24.56 19.35 19.89
N GLU D 159 25.02 20.59 19.85
CA GLU D 159 26.33 21.04 20.35
C GLU D 159 26.34 21.38 21.84
N ARG D 160 25.17 21.63 22.44
CA ARG D 160 25.13 22.23 23.79
C ARG D 160 24.15 21.55 24.74
N TRP D 161 23.60 20.41 24.34
CA TRP D 161 22.52 19.78 25.15
C TRP D 161 23.05 19.38 26.51
N ARG D 162 24.28 18.87 26.56
CA ARG D 162 24.83 18.39 27.83
C ARG D 162 25.05 19.57 28.79
N GLU D 163 25.55 20.67 28.28
CA GLU D 163 25.61 21.97 29.00
C GLU D 163 24.23 22.32 29.56
N GLY D 164 23.20 22.18 28.72
CA GLY D 164 21.80 22.38 29.14
C GLY D 164 21.42 21.54 30.35
N THR D 165 21.69 20.24 30.28
CA THR D 165 21.38 19.34 31.41
C THR D 165 22.11 19.77 32.68
N HIS D 166 23.38 20.15 32.56
CA HIS D 166 24.17 20.56 33.75
C HIS D 166 23.57 21.78 34.41
N GLY D 167 23.11 22.71 33.59
CA GLY D 167 22.46 23.92 34.11
C GLY D 167 21.20 23.60 34.86
N LEU D 168 20.45 22.64 34.34
CA LEU D 168 19.20 22.23 34.99
C LEU D 168 19.52 21.51 36.30
N PHE D 169 20.56 20.71 36.29
CA PHE D 169 20.96 19.96 37.51
C PHE D 169 21.30 20.96 38.62
N ASP D 170 21.99 22.05 38.27
CA ASP D 170 22.39 23.09 39.24
C ASP D 170 21.12 23.63 39.89
N VAL D 171 20.12 23.92 39.07
CA VAL D 171 18.86 24.52 39.54
C VAL D 171 18.13 23.54 40.43
N TRP D 172 18.03 22.30 39.97
CA TRP D 172 17.21 21.29 40.65
C TRP D 172 17.77 20.95 42.03
N LEU D 173 19.09 20.94 42.12
CA LEU D 173 19.79 20.61 43.37
C LEU D 173 19.77 21.79 44.34
N ASP D 174 19.74 23.00 43.80
CA ASP D 174 19.54 24.25 44.58
C ASP D 174 20.57 24.38 45.71
N GLY D 175 21.79 23.95 45.42
CA GLY D 175 22.93 24.13 46.32
C GLY D 175 23.00 23.12 47.43
N HIS D 176 22.26 22.02 47.30
CA HIS D 176 22.21 20.96 48.32
C HIS D 176 23.04 19.75 47.90
N ASP D 177 23.72 19.19 48.88
CA ASP D 177 24.50 17.96 48.70
C ASP D 177 23.59 16.79 49.03
N GLU D 178 22.55 16.63 48.21
CA GLU D 178 21.50 15.61 48.42
C GLU D 178 21.88 14.32 47.70
N LYS D 179 22.40 13.37 48.47
CA LYS D 179 22.97 12.10 47.98
C LYS D 179 22.08 11.40 46.95
N ARG D 180 20.83 11.21 47.36
CA ARG D 180 19.85 10.44 46.57
C ARG D 180 19.50 11.12 45.26
N VAL D 181 19.30 12.43 45.32
CA VAL D 181 18.98 13.22 44.12
C VAL D 181 20.19 13.25 43.17
N ARG D 182 21.37 13.49 43.74
CA ARG D 182 22.62 13.45 42.94
C ARG D 182 22.78 12.10 42.23
N HIS D 183 22.54 11.01 42.95
CA HIS D 183 22.61 9.66 42.34
C HIS D 183 21.65 9.53 41.18
N HIS D 184 20.45 10.06 41.36
CA HIS D 184 19.46 9.98 40.26
C HIS D 184 19.94 10.73 39.02
N LEU D 185 20.36 11.97 39.20
CA LEU D 185 20.74 12.84 38.06
C LEU D 185 22.02 12.38 37.38
N LEU D 186 23.02 12.03 38.19
CA LEU D 186 24.38 11.76 37.69
C LEU D 186 24.59 10.30 37.30
N GLU D 187 23.80 9.36 37.85
CA GLU D 187 23.91 7.94 37.48
C GLU D 187 22.68 7.51 36.70
N GLU D 188 21.49 7.70 37.27
CA GLU D 188 20.27 7.08 36.72
C GLU D 188 19.78 7.79 35.45
N MET D 189 20.22 9.02 35.23
CA MET D 189 19.93 9.70 33.95
C MET D 189 21.14 9.67 33.02
N ALA D 190 22.25 9.04 33.41
CA ALA D 190 23.54 9.16 32.68
C ALA D 190 23.45 8.64 31.24
N ASP D 191 22.58 7.66 31.00
CA ASP D 191 22.50 6.91 29.71
C ASP D 191 21.67 7.64 28.66
N TYR D 192 20.95 8.67 29.08
CA TYR D 192 20.05 9.42 28.21
C TYR D 192 20.86 10.44 27.43
N GLY D 193 20.50 10.61 26.17
CA GLY D 193 21.27 11.42 25.22
C GLY D 193 20.45 12.51 24.59
N TYR D 194 21.01 13.05 23.52
CA TYR D 194 20.38 14.15 22.76
C TYR D 194 19.01 13.73 22.21
N ASP D 195 18.89 12.47 21.81
CA ASP D 195 17.59 11.98 21.28
C ASP D 195 16.47 12.28 22.27
N CYS D 196 16.72 12.05 23.55
CA CYS D 196 15.72 12.35 24.60
C CYS D 196 15.72 13.83 24.95
N TRP D 197 16.88 14.39 25.28
CA TRP D 197 16.92 15.78 25.80
C TRP D 197 16.43 16.78 24.76
N GLY D 198 16.87 16.62 23.51
CA GLY D 198 16.39 17.51 22.45
C GLY D 198 14.90 17.41 22.26
N ARG D 199 14.38 16.19 22.29
CA ARG D 199 12.93 15.95 22.18
C ARG D 199 12.18 16.65 23.31
N SER D 200 12.71 16.51 24.52
CA SER D 200 12.11 17.11 25.72
C SER D 200 12.04 18.64 25.53
N GLY D 201 13.12 19.23 25.01
CA GLY D 201 13.14 20.68 24.70
C GLY D 201 12.09 21.07 23.69
N ARG D 202 11.96 20.30 22.62
CA ARG D 202 10.94 20.61 21.60
C ARG D 202 9.53 20.45 22.17
N VAL D 203 9.30 19.35 22.87
CA VAL D 203 7.93 19.04 23.39
C VAL D 203 7.46 20.07 24.43
N ILE D 204 8.33 20.35 25.40
CA ILE D 204 8.02 21.31 26.49
C ILE D 204 7.87 22.71 25.95
N GLU D 205 8.78 23.12 25.07
CA GLU D 205 8.67 24.45 24.45
C GLU D 205 7.33 24.63 23.74
N ASP D 206 6.95 23.62 22.96
CA ASP D 206 5.67 23.63 22.24
C ASP D 206 4.46 23.58 23.18
N ALA D 207 4.55 22.75 24.22
CA ALA D 207 3.46 22.62 25.21
C ALA D 207 3.13 23.98 25.83
N TYR D 208 4.15 24.68 26.29
CA TYR D 208 3.94 26.05 26.80
C TYR D 208 3.39 26.93 25.68
N GLY D 209 3.95 26.85 24.48
CA GLY D 209 3.51 27.73 23.38
C GLY D 209 2.06 27.56 23.03
N ARG D 210 1.64 26.31 22.95
CA ARG D 210 0.28 25.96 22.47
C ARG D 210 -0.74 26.02 23.59
N ASN D 211 -0.40 25.58 24.79
CA ASN D 211 -1.37 25.53 25.91
C ASN D 211 -1.25 26.76 26.82
N GLY D 212 -0.28 27.62 26.56
CA GLY D 212 0.03 28.80 27.38
C GLY D 212 0.78 28.47 28.65
N SER D 213 0.17 27.70 29.53
CA SER D 213 0.79 27.32 30.81
C SER D 213 0.04 26.14 31.41
N PRO D 214 0.68 25.39 32.33
CA PRO D 214 -0.04 24.38 33.09
C PRO D 214 -1.37 24.84 33.67
N MET D 215 -1.39 26.07 34.19
CA MET D 215 -2.61 26.62 34.85
C MET D 215 -3.72 26.87 33.84
N GLN D 216 -3.36 27.48 32.72
CA GLN D 216 -4.30 27.61 31.60
C GLN D 216 -4.87 26.28 31.15
N MET D 217 -3.99 25.31 30.91
CA MET D 217 -4.42 23.96 30.46
C MET D 217 -5.38 23.33 31.45
N MET D 218 -5.05 23.38 32.72
CA MET D 218 -5.91 22.82 33.78
C MET D 218 -7.26 23.51 33.81
N ALA D 219 -7.26 24.84 33.73
CA ALA D 219 -8.51 25.61 33.78
C ALA D 219 -9.40 25.33 32.57
N ASN D 220 -8.80 24.92 31.47
CA ASN D 220 -9.51 24.63 30.20
C ASN D 220 -10.06 23.19 30.14
N LEU D 221 -9.81 22.35 31.14
CA LEU D 221 -10.41 20.99 31.17
C LEU D 221 -11.92 21.09 31.00
N THR D 222 -12.47 20.18 30.21
CA THR D 222 -13.93 20.08 29.97
C THR D 222 -14.63 19.83 31.30
N LYS D 223 -14.09 18.91 32.08
CA LYS D 223 -14.62 18.57 33.40
C LYS D 223 -13.55 18.81 34.42
N THR D 224 -13.57 19.98 35.04
CA THR D 224 -12.63 20.29 36.14
C THR D 224 -12.89 19.35 37.32
N ARG D 225 -11.85 19.07 38.10
CA ARG D 225 -11.93 18.11 39.20
C ARG D 225 -10.76 18.37 40.12
N PRO D 226 -10.75 17.79 41.33
CA PRO D 226 -9.68 18.07 42.28
C PRO D 226 -8.27 17.72 41.79
N ILE D 227 -7.41 18.73 41.79
CA ILE D 227 -5.99 18.62 41.44
C ILE D 227 -5.23 19.35 42.53
N ARG D 228 -4.18 18.72 43.07
CA ARG D 228 -3.28 19.39 44.05
C ARG D 228 -1.89 19.48 43.48
N HIS D 229 -1.29 20.66 43.60
CA HIS D 229 0.13 20.86 43.25
C HIS D 229 0.94 20.80 44.52
N ILE D 230 1.79 19.79 44.65
CA ILE D 230 2.71 19.69 45.79
C ILE D 230 4.12 19.92 45.27
N PHE D 231 4.83 20.84 45.90
CA PHE D 231 6.12 21.30 45.37
C PHE D 231 7.05 21.77 46.48
N SER D 232 8.34 21.62 46.21
CA SER D 232 9.42 22.17 47.04
C SER D 232 10.06 23.43 46.39
N GLN D 233 10.11 23.50 45.07
CA GLN D 233 10.83 24.59 44.35
C GLN D 233 9.94 25.06 43.21
N PRO D 234 10.12 26.32 42.73
CA PRO D 234 11.00 27.35 43.33
C PRO D 234 10.51 27.76 44.71
N THR D 235 11.41 28.43 45.43
CA THR D 235 11.27 28.70 46.88
C THR D 235 10.69 30.08 47.15
N GLU D 236 10.67 30.93 46.12
CA GLU D 236 10.40 32.39 46.25
C GLU D 236 8.93 32.66 46.56
N PRO D 237 8.65 33.68 47.40
CA PRO D 237 7.28 34.11 47.65
C PRO D 237 6.40 34.37 46.43
N GLU D 238 6.96 34.91 45.37
CA GLU D 238 6.19 35.23 44.14
C GLU D 238 5.58 33.96 43.53
N TYR D 239 6.29 32.84 43.65
CA TYR D 239 5.76 31.54 43.14
C TYR D 239 4.62 31.02 44.00
N GLU D 240 4.81 31.07 45.31
CA GLU D 240 3.77 30.69 46.28
C GLU D 240 2.51 31.47 45.95
N LYS D 241 2.68 32.76 45.66
CA LYS D 241 1.53 33.67 45.41
C LYS D 241 0.72 33.22 44.18
N ILE D 242 1.38 32.84 43.09
CA ILE D 242 0.61 32.40 41.90
C ILE D 242 -0.19 31.15 42.23
N ASN D 243 0.37 30.26 43.04
CA ASN D 243 -0.38 29.05 43.46
C ASN D 243 -1.57 29.45 44.36
N SER D 244 -1.32 30.38 45.28
CA SER D 244 -2.38 30.86 46.23
C SER D 244 -3.49 31.59 45.44
N ASP D 245 -3.11 32.46 44.50
CA ASP D 245 -4.11 33.18 43.66
C ASP D 245 -4.96 32.21 42.85
N PHE D 246 -4.32 31.25 42.19
CA PHE D 246 -5.05 30.20 41.44
C PHE D 246 -6.01 29.43 42.37
N ALA D 247 -5.56 29.03 43.55
CA ALA D 247 -6.38 28.26 44.52
C ALA D 247 -7.58 29.06 45.01
N GLU D 248 -7.41 30.38 45.13
CA GLU D 248 -8.53 31.28 45.51
C GLU D 248 -9.60 31.29 44.43
N GLN D 249 -9.15 31.26 43.18
CA GLN D 249 -10.05 31.40 42.02
C GLN D 249 -10.79 30.10 41.72
N HIS D 250 -10.16 28.95 41.99
CA HIS D 250 -10.68 27.64 41.55
C HIS D 250 -10.86 26.70 42.72
N PRO D 251 -12.12 26.39 43.08
CA PRO D 251 -12.34 25.48 44.20
C PRO D 251 -11.62 24.13 44.10
N TRP D 252 -11.52 23.60 42.89
CA TRP D 252 -10.91 22.29 42.58
C TRP D 252 -9.38 22.31 42.69
N PHE D 253 -8.76 23.47 42.82
CA PHE D 253 -7.27 23.53 42.90
C PHE D 253 -6.79 23.79 44.31
N SER D 254 -5.80 23.02 44.72
CA SER D 254 -5.15 23.21 46.02
C SER D 254 -3.67 23.01 45.82
N TYR D 255 -2.87 23.41 46.80
CA TYR D 255 -1.42 23.20 46.74
C TYR D 255 -0.89 22.94 48.14
N ALA D 256 0.33 22.43 48.20
CA ALA D 256 1.10 22.35 49.45
C ALA D 256 2.56 22.58 49.12
N LYS D 257 3.17 23.53 49.80
CA LYS D 257 4.64 23.65 49.80
C LYS D 257 5.24 22.65 50.78
N LEU D 258 6.11 21.78 50.25
CA LEU D 258 6.60 20.60 50.99
C LEU D 258 7.88 20.90 51.78
N GLY D 259 8.62 21.92 51.40
CA GLY D 259 9.84 22.33 52.11
C GLY D 259 11.02 21.39 51.90
N GLY D 260 10.92 20.51 50.91
CA GLY D 260 12.02 19.63 50.52
C GLY D 260 13.16 20.41 49.92
N PRO D 261 14.39 19.86 49.97
CA PRO D 261 15.55 20.58 49.43
C PRO D 261 15.61 20.75 47.90
N THR D 262 15.16 19.76 47.15
CA THR D 262 15.39 19.72 45.69
C THR D 262 14.08 19.71 44.91
N HIS D 263 14.24 19.64 43.59
CA HIS D 263 13.13 19.57 42.60
C HIS D 263 12.51 18.18 42.55
N PHE D 264 13.00 17.26 43.37
CA PHE D 264 12.60 15.84 43.33
C PHE D 264 12.05 15.41 44.69
N PRO D 265 10.86 15.90 45.10
CA PRO D 265 10.26 15.44 46.34
C PRO D 265 9.96 13.94 46.43
N ALA D 266 9.74 13.31 45.28
CA ALA D 266 9.51 11.86 45.17
C ALA D 266 10.71 11.12 45.75
N ILE D 267 11.88 11.77 45.72
CA ILE D 267 13.14 11.15 46.20
C ILE D 267 13.48 11.65 47.60
N ASP D 268 13.42 12.97 47.83
CA ASP D 268 13.94 13.58 49.08
C ASP D 268 12.93 13.71 50.22
N VAL D 269 11.63 13.74 49.92
CA VAL D 269 10.56 13.73 50.95
C VAL D 269 9.45 12.76 50.55
N PRO D 270 9.80 11.49 50.26
CA PRO D 270 8.79 10.54 49.77
C PRO D 270 7.63 10.30 50.74
N ASP D 271 7.91 10.36 52.04
CA ASP D 271 6.87 10.22 53.09
C ASP D 271 5.82 11.29 52.95
N ARG D 272 6.28 12.51 52.65
CA ARG D 272 5.40 13.68 52.49
C ARG D 272 4.60 13.56 51.21
N ALA D 273 5.25 13.24 50.10
CA ALA D 273 4.53 12.95 48.85
C ALA D 273 3.43 11.92 49.09
N ALA D 274 3.78 10.84 49.79
CA ALA D 274 2.84 9.72 49.98
C ALA D 274 1.60 10.13 50.79
N VAL D 275 1.74 10.99 51.79
CA VAL D 275 0.56 11.34 52.62
C VAL D 275 -0.44 12.10 51.76
N HIS D 276 0.03 12.89 50.79
CA HIS D 276 -0.90 13.66 49.93
C HIS D 276 -1.61 12.73 48.96
N ILE D 277 -0.86 11.78 48.44
CA ILE D 277 -1.42 10.77 47.50
C ILE D 277 -2.44 9.90 48.23
N ARG D 278 -2.10 9.47 49.43
CA ARG D 278 -3.04 8.67 50.28
C ARG D 278 -4.34 9.43 50.58
N GLU D 279 -4.21 10.72 50.88
CA GLU D 279 -5.39 11.56 51.16
C GLU D 279 -6.31 11.57 49.96
N PHE D 280 -5.74 11.75 48.78
CA PHE D 280 -6.55 11.81 47.55
C PHE D 280 -7.15 10.44 47.25
N ALA D 281 -6.40 9.36 47.51
CA ALA D 281 -6.91 7.99 47.22
C ALA D 281 -8.07 7.63 48.14
N THR D 282 -7.93 8.01 49.42
CA THR D 282 -9.01 7.85 50.42
C THR D 282 -10.27 8.61 50.02
N ALA D 283 -10.11 9.85 49.59
CA ALA D 283 -11.23 10.69 49.14
C ALA D 283 -11.99 9.99 48.01
N ILE D 284 -11.26 9.44 47.05
CA ILE D 284 -11.85 8.72 45.90
C ILE D 284 -12.61 7.50 46.39
N ARG D 285 -11.99 6.71 47.26
CA ARG D 285 -12.60 5.49 47.83
C ARG D 285 -13.95 5.83 48.49
N GLN D 286 -14.03 6.97 49.19
CA GLN D 286 -15.29 7.46 49.84
C GLN D 286 -16.08 8.30 48.82
N GLY D 287 -16.65 7.65 47.80
CA GLY D 287 -17.46 8.29 46.75
C GLY D 287 -16.60 9.00 45.73
XE XE E . -18.42 -20.49 2.62
O1 TAR F . -15.24 -38.67 14.87
O11 TAR F . -16.61 -40.25 14.14
C1 TAR F . -16.35 -39.07 14.48
C2 TAR F . -17.48 -38.04 14.40
O2 TAR F . -17.94 -37.86 13.07
C3 TAR F . -18.66 -38.44 15.28
O3 TAR F . -19.02 -39.79 15.03
C4 TAR F . -19.84 -37.49 15.03
O4 TAR F . -19.96 -36.52 15.81
O41 TAR F . -20.59 -37.75 14.06
XE XE G . 1.81 -7.21 -17.87
O1 TAR H . 3.45 13.81 -18.22
O11 TAR H . 3.86 13.49 -20.37
C1 TAR H . 3.08 13.64 -19.40
C2 TAR H . 1.58 13.65 -19.70
O2 TAR H . 0.83 13.59 -18.50
C3 TAR H . 1.22 14.91 -20.50
O3 TAR H . 1.67 16.06 -19.81
C4 TAR H . -0.28 14.96 -20.79
O4 TAR H . -1.05 15.03 -19.81
O41 TAR H . -0.63 14.93 -21.99
O1 TAR I . 28.18 -3.39 -23.42
O11 TAR I . 27.87 -3.62 -25.61
C1 TAR I . 27.63 -3.09 -24.50
C2 TAR I . 26.58 -1.98 -24.46
O2 TAR I . 25.56 -2.26 -23.52
C3 TAR I . 27.24 -0.64 -24.11
O3 TAR I . 27.75 -0.70 -22.80
C4 TAR I . 26.20 0.49 -24.26
O4 TAR I . 25.23 0.48 -23.48
O41 TAR I . 26.40 1.34 -25.17
XE XE J . 22.29 24.55 1.25
O1 TAR K . 20.80 38.10 -13.62
O11 TAR K . 20.30 36.74 -15.32
C1 TAR K . 20.00 37.61 -14.47
C2 TAR K . 18.54 38.08 -14.45
O2 TAR K . 17.79 37.43 -13.44
C3 TAR K . 18.47 39.60 -14.28
O3 TAR K . 19.67 40.09 -13.72
C4 TAR K . 17.26 39.99 -13.42
O4 TAR K . 17.26 39.64 -12.22
O41 TAR K . 16.35 40.66 -13.97
XE XE L . 13.20 19.10 31.44
O1 TAR M . 26.86 7.43 44.98
O11 TAR M . 25.54 7.49 43.19
C1 TAR M . 26.09 8.01 44.18
C2 TAR M . 25.81 9.50 44.42
O2 TAR M . 25.13 9.73 45.64
C3 TAR M . 27.14 10.27 44.43
O3 TAR M . 27.95 9.82 45.51
C4 TAR M . 26.87 11.78 44.50
O4 TAR M . 26.25 12.20 45.50
O41 TAR M . 27.28 12.47 43.55
#